data_5XEQ
#
_entry.id   5XEQ
#
_cell.length_a   154.875
_cell.length_b   69.134
_cell.length_c   108.843
_cell.angle_alpha   90.000
_cell.angle_beta   115.310
_cell.angle_gamma   90.000
#
_symmetry.space_group_name_H-M   'C 1 2 1'
#
loop_
_entity.id
_entity.type
_entity.pdbx_description
1 polymer Neuroligin-2
2 polymer 'MAM domain-containing glycosylphosphatidylinositol anchor protein 1'
3 branched 2-acetamido-2-deoxy-beta-D-glucopyranose-(1-4)-2-acetamido-2-deoxy-beta-D-glucopyranose
4 non-polymer 2-acetamido-2-deoxy-beta-D-glucopyranose
#
loop_
_entity_poly.entity_id
_entity_poly.type
_entity_poly.pdbx_seq_one_letter_code
_entity_poly.pdbx_strand_id
1 'polypeptide(L)'
;ADPPVVNTAYGRVRGVRRELNNEILGPVVQFLGVPYATPPLGARRFQPPEAPASWPGVRQATTLPPACPQNLHGALPAIM
LPVWFTDNLEAAATYVQNQSEDCLYLNLYVPTEDGPLTKKRDEATLNPPDTDIRDPGKKPVMLFLHGGSYMEGTGNMFDG
SVLAAYGNVIVATLNYRLGVLGFLSTGDQAAKGNYGLLDQIQALRWLSENIAHFGGDPERITIFGSGAGASCVNLLILSH
HSEGLFQKAIAQSGTAISSWSVNYQPLKYTRLLAAKVGCDREDSAEAVECLRRKPSRELVDQDVQPARYHIAFGPVVDGD
VVPDDPEILMQQGEFLNYDMLIGVNQGEGLKFVEDSAESEDGVSASAFDFTVSNFVDNLYGYPEGKDVLRETIKFMYTDW
ADRDNGEMRRKTLLALFTDHQWVAPAVATAKLHADYQSPVYFYTFYHHCQAEGRPEWADAAHGDELPYVFGVPMVGATDL
FPCNFSKNDVMLSAVVMTYWTNFAKTGDPNQPVPQDTKFIHTKPNRFEEVVWSKFNSKEKQYLHIGLKPRVRDNYRANKV
AFWLELVPHLHNLVPR
;
A
2 'polypeptide(L)'
;ADPQGVYAPAQAQIVHAGQACVVKEDNISERVYTIREGDTLMLQCLVTGHPRPQVRWTKTAGSASDKFQETSVFNETLRI
ERIARTQGGRYYCKAENGVGVPAIKSIRVDVQYLDEPMLTVHQTVSDVRGNFYQEKTVFLRCTVNSNPPARFIWKRGSDT
LSHSQDNGVDIYEPLYTQGETKVLKLKNLRPQDYASYTCQVSVRNVCGIPDKAITFRLTNTTAPPALKLSVNETLVVNPG
ENVTVQCLLTGGDPLPQLQWSHGPGPLPLGALAQGGTLSIPSVQARDSGYYNCTATNNVGNPAKKTVNLLVRSMKLVPR
;
B
#
loop_
_chem_comp.id
_chem_comp.type
_chem_comp.name
_chem_comp.formula
NAG D-saccharide, beta linking 2-acetamido-2-deoxy-beta-D-glucopyranose 'C8 H15 N O6'
#
# COMPACT_ATOMS: atom_id res chain seq x y z
N PRO A 4 28.27 5.30 39.44
CA PRO A 4 27.58 6.07 38.41
C PRO A 4 26.25 6.61 38.89
N VAL A 5 26.25 7.28 40.03
CA VAL A 5 25.04 7.84 40.63
C VAL A 5 25.02 9.33 40.38
N VAL A 6 23.88 9.85 39.92
CA VAL A 6 23.70 11.26 39.63
C VAL A 6 22.42 11.73 40.30
N ASN A 7 22.47 12.92 40.92
CA ASN A 7 21.29 13.52 41.53
C ASN A 7 20.56 14.36 40.50
N THR A 8 19.23 14.33 40.57
CA THR A 8 18.36 15.17 39.75
C THR A 8 17.49 16.02 40.67
N ALA A 9 16.69 16.89 40.06
CA ALA A 9 15.80 17.74 40.84
C ALA A 9 14.78 16.93 41.62
N TYR A 10 14.57 15.66 41.25
CA TYR A 10 13.62 14.80 41.94
C TYR A 10 14.31 13.83 42.88
N GLY A 11 15.25 13.04 42.37
CA GLY A 11 15.96 12.09 43.20
C GLY A 11 17.34 11.74 42.68
N ARG A 12 17.96 10.71 43.27
CA ARG A 12 19.25 10.21 42.82
C ARG A 12 19.06 8.90 42.09
N VAL A 13 19.82 8.72 41.01
CA VAL A 13 19.68 7.56 40.14
C VAL A 13 21.03 6.88 39.99
N ARG A 14 21.03 5.55 40.08
CA ARG A 14 22.22 4.74 39.83
C ARG A 14 22.12 4.13 38.44
N GLY A 15 23.10 4.41 37.59
CA GLY A 15 23.15 3.87 36.25
C GLY A 15 23.97 2.60 36.17
N VAL A 16 24.47 2.31 34.98
CA VAL A 16 25.31 1.13 34.76
C VAL A 16 26.14 1.36 33.51
N ARG A 17 27.45 1.18 33.63
CA ARG A 17 28.36 1.35 32.51
C ARG A 17 28.54 0.02 31.78
N ARG A 18 28.41 0.07 30.45
CA ARG A 18 28.55 -1.11 29.61
C ARG A 18 29.49 -0.82 28.45
N GLU A 19 30.23 -1.84 28.04
CA GLU A 19 31.14 -1.75 26.91
C GLU A 19 30.45 -2.29 25.65
N LEU A 20 30.64 -1.60 24.54
CA LEU A 20 30.00 -1.98 23.29
C LEU A 20 30.75 -3.13 22.64
N ASN A 21 30.05 -3.82 21.73
CA ASN A 21 30.63 -4.91 20.95
C ASN A 21 31.50 -4.41 19.81
N ASN A 22 32.31 -3.37 20.05
CA ASN A 22 33.16 -2.78 19.04
C ASN A 22 34.48 -2.38 19.68
N GLU A 23 35.59 -2.70 19.02
CA GLU A 23 36.90 -2.42 19.57
C GLU A 23 37.31 -0.95 19.42
N ILE A 24 36.65 -0.21 18.54
CA ILE A 24 36.93 1.22 18.41
C ILE A 24 36.06 2.04 19.37
N LEU A 25 34.82 1.62 19.60
CA LEU A 25 33.90 2.34 20.46
C LEU A 25 34.11 1.93 21.92
N GLY A 26 34.28 2.91 22.79
CA GLY A 26 34.51 2.65 24.20
C GLY A 26 33.24 2.35 24.96
N PRO A 27 33.26 2.57 26.27
CA PRO A 27 32.09 2.28 27.10
C PRO A 27 31.14 3.47 27.17
N VAL A 28 29.93 3.18 27.65
CA VAL A 28 28.90 4.20 27.87
C VAL A 28 28.29 3.98 29.25
N VAL A 29 27.61 5.01 29.73
CA VAL A 29 26.83 4.96 30.97
C VAL A 29 25.37 5.01 30.58
N GLN A 30 24.61 4.00 31.02
CA GLN A 30 23.19 3.87 30.71
C GLN A 30 22.37 4.14 31.95
N PHE A 31 21.26 4.85 31.78
CA PHE A 31 20.27 5.11 32.82
C PHE A 31 18.93 4.63 32.28
N LEU A 32 18.63 3.36 32.53
CA LEU A 32 17.43 2.71 31.99
C LEU A 32 16.30 2.80 33.01
N GLY A 33 15.33 3.66 32.76
CA GLY A 33 14.14 3.69 33.58
C GLY A 33 14.14 4.76 34.65
N VAL A 34 14.40 6.01 34.26
CA VAL A 34 14.21 7.13 35.19
C VAL A 34 12.82 7.69 34.95
N PRO A 35 12.03 7.94 35.99
CA PRO A 35 10.68 8.46 35.78
C PRO A 35 10.71 9.96 35.48
N TYR A 36 9.99 10.35 34.42
CA TYR A 36 9.91 11.75 34.02
C TYR A 36 8.52 12.33 34.21
N ALA A 37 7.56 11.55 34.69
CA ALA A 37 6.21 12.02 34.92
C ALA A 37 5.51 11.09 35.91
N THR A 38 4.56 11.64 36.65
CA THR A 38 3.78 10.84 37.57
C THR A 38 3.02 9.77 36.81
N PRO A 39 2.98 8.53 37.31
CA PRO A 39 2.24 7.46 36.62
C PRO A 39 0.79 7.85 36.39
N PRO A 40 0.35 7.83 35.17
CA PRO A 40 -1.05 8.21 34.83
C PRO A 40 -2.00 7.03 35.02
N LEU A 41 -2.29 6.70 36.28
CA LEU A 41 -2.91 5.42 36.61
C LEU A 41 -4.41 5.51 36.86
N GLY A 42 -4.85 6.38 37.75
CA GLY A 42 -6.25 6.43 38.11
C GLY A 42 -6.98 7.63 37.56
N ALA A 43 -7.02 8.71 38.34
CA ALA A 43 -7.60 9.96 37.83
C ALA A 43 -6.76 10.54 36.72
N ARG A 44 -5.46 10.23 36.70
CA ARG A 44 -4.54 10.79 35.72
C ARG A 44 -4.54 10.04 34.39
N ARG A 45 -5.25 8.92 34.30
CA ARG A 45 -5.51 8.33 32.99
C ARG A 45 -6.37 9.30 32.18
N PHE A 46 -6.05 9.41 30.89
CA PHE A 46 -6.71 10.38 30.01
C PHE A 46 -6.53 11.81 30.51
N GLN A 47 -5.33 12.09 31.03
CA GLN A 47 -5.00 13.39 31.60
C GLN A 47 -3.57 13.75 31.21
N PRO A 48 -3.23 15.04 31.17
CA PRO A 48 -1.87 15.45 30.85
C PRO A 48 -0.89 14.93 31.89
N PRO A 49 0.40 14.81 31.53
CA PRO A 49 1.39 14.32 32.49
C PRO A 49 1.98 15.43 33.36
N GLU A 50 1.92 15.25 34.67
CA GLU A 50 2.50 16.19 35.60
C GLU A 50 3.89 15.70 36.03
N ALA A 51 4.58 16.52 36.82
CA ALA A 51 5.94 16.20 37.23
C ALA A 51 5.97 14.91 38.04
N PRO A 52 7.05 14.14 37.95
CA PRO A 52 7.13 12.89 38.72
C PRO A 52 7.37 13.16 40.20
N ALA A 53 7.33 12.09 40.97
CA ALA A 53 7.54 12.19 42.41
C ALA A 53 9.03 12.32 42.71
N SER A 54 9.36 12.42 43.99
CA SER A 54 10.73 12.53 44.46
C SER A 54 11.03 11.38 45.42
N TRP A 55 12.16 10.70 45.19
CA TRP A 55 12.57 9.60 46.04
C TRP A 55 13.80 9.99 46.83
N PRO A 56 13.82 9.77 48.15
CA PRO A 56 14.96 10.24 48.95
C PRO A 56 16.22 9.43 48.73
N GLY A 57 16.12 8.12 48.60
CA GLY A 57 17.27 7.26 48.40
C GLY A 57 17.82 7.34 47.00
N VAL A 58 18.36 6.23 46.53
CA VAL A 58 18.92 6.11 45.18
C VAL A 58 18.11 5.06 44.44
N ARG A 59 17.32 5.50 43.46
CA ARG A 59 16.63 4.55 42.61
C ARG A 59 17.61 3.90 41.66
N GLN A 60 17.52 2.58 41.53
CA GLN A 60 18.48 1.79 40.76
C GLN A 60 17.89 1.56 39.37
N ALA A 61 18.22 2.47 38.45
CA ALA A 61 17.76 2.38 37.08
C ALA A 61 18.81 1.70 36.21
N THR A 62 18.94 0.39 36.44
CA THR A 62 19.87 -0.45 35.69
C THR A 62 19.15 -1.53 34.90
N THR A 63 17.83 -1.43 34.75
CA THR A 63 17.05 -2.39 33.98
C THR A 63 16.04 -1.64 33.13
N LEU A 64 15.74 -2.20 31.97
CA LEU A 64 14.82 -1.55 31.05
C LEU A 64 13.44 -1.40 31.69
N PRO A 65 12.82 -0.23 31.60
CA PRO A 65 11.48 -0.05 32.16
C PRO A 65 10.44 -0.79 31.34
N PRO A 66 9.23 -0.98 31.87
CA PRO A 66 8.20 -1.69 31.11
C PRO A 66 7.71 -0.86 29.93
N ALA A 67 7.25 -1.57 28.90
CA ALA A 67 6.62 -0.91 27.78
C ALA A 67 5.16 -0.60 28.09
N CYS A 68 4.62 0.39 27.39
CA CYS A 68 3.23 0.77 27.59
C CYS A 68 2.31 -0.33 27.09
N PRO A 69 1.09 -0.40 27.61
CA PRO A 69 0.16 -1.49 27.24
C PRO A 69 -0.05 -1.56 25.74
N GLN A 70 0.26 -2.72 25.16
CA GLN A 70 0.14 -2.95 23.73
C GLN A 70 -0.66 -4.23 23.46
N ASN A 71 -0.77 -4.56 22.18
CA ASN A 71 -1.32 -5.84 21.75
C ASN A 71 -0.76 -6.12 20.36
N LEU A 72 0.19 -7.02 20.27
CA LEU A 72 0.70 -7.49 18.98
C LEU A 72 0.01 -8.77 18.52
N HIS A 73 -0.87 -9.32 19.34
CA HIS A 73 -1.63 -10.52 18.98
C HIS A 73 -2.77 -10.12 18.07
N GLY A 74 -2.62 -10.39 16.77
CA GLY A 74 -3.66 -10.16 15.80
C GLY A 74 -3.86 -8.72 15.37
N ALA A 75 -4.08 -8.53 14.06
CA ALA A 75 -4.53 -7.27 13.48
C ALA A 75 -3.48 -6.16 13.62
N LEU A 76 -2.30 -6.41 13.01
CA LEU A 76 -1.35 -5.32 13.04
C LEU A 76 -1.43 -4.49 11.76
N PRO A 77 -1.12 -3.11 11.88
CA PRO A 77 -1.08 -2.24 10.68
C PRO A 77 0.20 -2.45 9.88
N ALA A 78 0.29 -3.61 9.24
CA ALA A 78 1.50 -3.97 8.50
C ALA A 78 1.81 -3.00 7.37
N ILE A 79 0.82 -2.25 6.89
CA ILE A 79 1.04 -1.33 5.78
C ILE A 79 1.93 -0.17 6.21
N MET A 80 1.65 0.43 7.36
CA MET A 80 2.38 1.59 7.84
C MET A 80 3.48 1.25 8.83
N LEU A 81 3.62 -0.02 9.21
CA LEU A 81 4.66 -0.41 10.15
C LEU A 81 6.00 -0.58 9.44
N PRO A 82 7.10 -0.38 10.16
CA PRO A 82 8.42 -0.69 9.58
C PRO A 82 8.49 -2.16 9.18
N VAL A 83 9.21 -2.41 8.08
CA VAL A 83 9.25 -3.76 7.53
C VAL A 83 9.96 -4.72 8.47
N TRP A 84 11.07 -4.28 9.08
CA TRP A 84 11.78 -5.13 10.03
C TRP A 84 10.91 -5.47 11.23
N PHE A 85 10.01 -4.56 11.62
CA PHE A 85 9.10 -4.84 12.73
C PHE A 85 8.09 -5.90 12.35
N THR A 86 7.50 -5.79 11.16
CA THR A 86 6.47 -6.75 10.75
C THR A 86 7.07 -8.11 10.47
N ASP A 87 8.33 -8.16 10.02
CA ASP A 87 8.94 -9.44 9.69
C ASP A 87 9.41 -10.19 10.93
N ASN A 88 9.85 -9.48 11.97
CA ASN A 88 10.47 -10.11 13.13
C ASN A 88 9.61 -9.92 14.37
N LEU A 89 8.32 -10.26 14.29
CA LEU A 89 7.39 -9.99 15.38
C LEU A 89 7.79 -10.67 16.68
N GLU A 90 8.58 -11.74 16.63
CA GLU A 90 9.02 -12.39 17.86
C GLU A 90 10.12 -11.58 18.54
N ALA A 91 11.18 -11.25 17.80
CA ALA A 91 12.26 -10.43 18.34
C ALA A 91 11.78 -9.05 18.75
N ALA A 92 10.61 -8.62 18.26
CA ALA A 92 9.99 -7.39 18.75
C ALA A 92 9.13 -7.65 19.98
N ALA A 93 8.43 -8.78 20.00
CA ALA A 93 7.55 -9.10 21.12
C ALA A 93 8.34 -9.37 22.40
N THR A 94 9.60 -9.81 22.28
CA THR A 94 10.42 -9.98 23.47
C THR A 94 10.69 -8.66 24.18
N TYR A 95 10.63 -7.54 23.46
CA TYR A 95 10.85 -6.23 24.05
C TYR A 95 9.63 -5.70 24.81
N VAL A 96 8.48 -6.35 24.71
CA VAL A 96 7.26 -5.83 25.32
C VAL A 96 6.57 -6.90 26.15
N GLN A 97 7.36 -7.82 26.73
CA GLN A 97 6.78 -8.82 27.61
C GLN A 97 6.33 -8.22 28.94
N ASN A 98 6.91 -7.09 29.34
CA ASN A 98 6.53 -6.39 30.57
C ASN A 98 5.74 -5.13 30.16
N GLN A 99 4.43 -5.16 30.40
CA GLN A 99 3.56 -4.04 30.05
C GLN A 99 2.74 -3.65 31.27
N SER A 100 2.84 -2.38 31.66
CA SER A 100 1.99 -1.81 32.69
C SER A 100 1.65 -0.37 32.30
N GLU A 101 0.48 0.08 32.75
CA GLU A 101 0.06 1.45 32.45
C GLU A 101 1.05 2.46 33.02
N ASP A 102 1.75 2.11 34.09
CA ASP A 102 2.83 2.93 34.63
C ASP A 102 4.08 2.68 33.78
N CYS A 103 4.14 3.38 32.64
CA CYS A 103 5.21 3.19 31.67
C CYS A 103 5.92 4.48 31.30
N LEU A 104 5.67 5.58 32.02
CA LEU A 104 6.27 6.87 31.68
C LEU A 104 7.68 6.94 32.29
N TYR A 105 8.61 6.27 31.62
CA TYR A 105 10.02 6.32 31.97
C TYR A 105 10.83 6.62 30.71
N LEU A 106 12.12 6.88 30.89
CA LEU A 106 13.01 7.09 29.76
C LEU A 106 14.36 6.44 30.05
N ASN A 107 15.20 6.39 29.02
CA ASN A 107 16.51 5.77 29.09
C ASN A 107 17.53 6.74 28.51
N LEU A 108 18.65 6.90 29.19
CA LEU A 108 19.73 7.77 28.75
C LEU A 108 20.97 6.95 28.43
N TYR A 109 21.70 7.39 27.39
CA TYR A 109 22.95 6.79 26.96
C TYR A 109 23.96 7.90 26.83
N VAL A 110 24.95 7.92 27.72
CA VAL A 110 25.94 8.99 27.79
C VAL A 110 27.31 8.39 27.53
N PRO A 111 28.20 9.07 26.78
CA PRO A 111 29.56 8.56 26.58
C PRO A 111 30.34 8.41 27.88
N GLY A 137 31.90 21.78 27.86
CA GLY A 137 31.82 20.32 27.81
C GLY A 137 30.38 19.82 27.77
N LYS A 138 29.45 20.72 27.52
CA LYS A 138 28.03 20.37 27.47
C LYS A 138 27.74 19.59 26.19
N LYS A 139 27.54 18.28 26.33
CA LYS A 139 27.25 17.45 25.17
C LYS A 139 25.84 17.74 24.64
N PRO A 140 25.63 17.57 23.35
CA PRO A 140 24.27 17.75 22.81
C PRO A 140 23.39 16.58 23.19
N VAL A 141 22.08 16.82 23.11
CA VAL A 141 21.08 15.82 23.47
C VAL A 141 20.34 15.42 22.20
N MET A 142 20.02 14.13 22.09
CA MET A 142 19.28 13.60 20.94
C MET A 142 18.25 12.61 21.47
N LEU A 143 17.00 13.05 21.58
CA LEU A 143 15.91 12.19 22.02
C LEU A 143 15.23 11.57 20.80
N PHE A 144 14.97 10.26 20.89
CA PHE A 144 14.39 9.50 19.79
C PHE A 144 12.93 9.20 20.09
N LEU A 145 12.04 9.73 19.27
CA LEU A 145 10.62 9.43 19.34
C LEU A 145 10.34 8.21 18.47
N HIS A 146 10.15 7.05 19.10
CA HIS A 146 9.88 5.84 18.36
C HIS A 146 8.48 5.90 17.76
N GLY A 147 8.32 5.25 16.60
CA GLY A 147 7.08 5.38 15.86
C GLY A 147 6.28 4.11 15.70
N GLY A 148 6.06 3.70 14.45
CA GLY A 148 5.22 2.56 14.17
C GLY A 148 3.83 2.96 13.70
N SER A 149 2.87 2.97 14.64
CA SER A 149 1.51 3.33 14.27
C SER A 149 0.69 3.90 15.42
N TYR A 150 1.34 4.42 16.47
CA TYR A 150 0.74 5.04 17.66
C TYR A 150 0.13 4.04 18.63
N MET A 151 0.12 2.74 18.31
CA MET A 151 -0.52 1.76 19.17
C MET A 151 0.44 0.68 19.66
N GLU A 152 1.72 0.76 19.31
CA GLU A 152 2.70 -0.25 19.71
C GLU A 152 4.08 0.40 19.66
N GLY A 153 5.10 -0.41 19.97
CA GLY A 153 6.47 0.04 19.97
C GLY A 153 6.95 0.43 21.36
N THR A 154 8.26 0.65 21.45
CA THR A 154 8.89 1.08 22.69
C THR A 154 10.28 1.59 22.37
N GLY A 155 10.76 2.50 23.21
CA GLY A 155 12.12 3.00 23.06
C GLY A 155 13.20 2.03 23.49
N ASN A 156 12.82 0.90 24.09
CA ASN A 156 13.80 -0.08 24.54
C ASN A 156 14.41 -0.86 23.38
N MET A 157 13.78 -0.84 22.21
CA MET A 157 14.33 -1.53 21.04
C MET A 157 15.55 -0.83 20.46
N PHE A 158 15.81 0.41 20.84
CA PHE A 158 16.82 1.24 20.19
C PHE A 158 17.94 1.52 21.19
N ASP A 159 19.02 0.74 21.09
CA ASP A 159 20.18 0.87 21.96
C ASP A 159 21.04 2.02 21.43
N GLY A 160 20.76 3.23 21.92
CA GLY A 160 21.49 4.41 21.51
C GLY A 160 22.91 4.52 22.01
N SER A 161 23.45 3.47 22.65
CA SER A 161 24.81 3.52 23.17
C SER A 161 25.83 3.60 22.05
N VAL A 162 25.59 2.91 20.94
CA VAL A 162 26.52 2.96 19.81
C VAL A 162 26.51 4.34 19.18
N LEU A 163 25.32 4.87 18.89
CA LEU A 163 25.20 6.23 18.37
C LEU A 163 25.80 7.25 19.32
N ALA A 164 25.70 7.00 20.63
CA ALA A 164 26.27 7.93 21.60
C ALA A 164 27.79 7.88 21.58
N ALA A 165 28.36 6.68 21.60
CA ALA A 165 29.81 6.55 21.63
C ALA A 165 30.46 6.99 20.33
N TYR A 166 29.73 6.90 19.22
CA TYR A 166 30.28 7.40 17.96
C TYR A 166 30.12 8.91 17.83
N GLY A 167 28.93 9.42 18.12
CA GLY A 167 28.60 10.79 17.82
C GLY A 167 29.02 11.84 18.82
N ASN A 168 29.50 11.44 20.00
CA ASN A 168 29.80 12.36 21.09
C ASN A 168 28.52 13.11 21.51
N VAL A 169 27.41 12.38 21.52
CA VAL A 169 26.09 12.92 21.82
C VAL A 169 25.40 11.98 22.80
N ILE A 170 24.53 12.54 23.64
CA ILE A 170 23.71 11.75 24.55
C ILE A 170 22.45 11.32 23.80
N VAL A 171 22.08 10.06 23.95
CA VAL A 171 20.94 9.48 23.23
C VAL A 171 19.88 9.07 24.23
N ALA A 172 18.66 9.56 24.04
CA ALA A 172 17.54 9.29 24.94
C ALA A 172 16.45 8.52 24.20
N THR A 173 15.84 7.56 24.89
CA THR A 173 14.71 6.81 24.36
C THR A 173 13.63 6.72 25.45
N LEU A 174 12.48 7.31 25.19
CA LEU A 174 11.40 7.35 26.15
C LEU A 174 10.32 6.32 25.81
N ASN A 175 9.26 6.31 26.61
CA ASN A 175 8.07 5.49 26.34
C ASN A 175 6.85 6.36 26.60
N TYR A 176 6.10 6.67 25.55
CA TYR A 176 4.90 7.48 25.65
C TYR A 176 3.65 6.61 25.56
N ARG A 177 2.56 7.09 26.16
CA ARG A 177 1.32 6.35 26.17
C ARG A 177 0.83 6.07 24.74
N LEU A 178 0.41 4.83 24.52
CA LEU A 178 0.10 4.33 23.18
C LEU A 178 -1.40 4.13 23.00
N GLY A 179 -1.83 4.20 21.75
CA GLY A 179 -3.19 3.85 21.36
C GLY A 179 -4.30 4.48 22.16
N VAL A 180 -5.10 3.63 22.82
CA VAL A 180 -6.26 4.10 23.56
C VAL A 180 -5.83 4.98 24.74
N LEU A 181 -4.95 4.45 25.59
CA LEU A 181 -4.51 5.18 26.77
C LEU A 181 -3.67 6.41 26.44
N GLY A 182 -3.35 6.65 25.17
CA GLY A 182 -2.48 7.75 24.83
C GLY A 182 -3.08 8.78 23.90
N PHE A 183 -4.13 8.42 23.16
CA PHE A 183 -4.67 9.33 22.17
C PHE A 183 -6.19 9.31 22.08
N LEU A 184 -6.88 8.62 22.98
CA LEU A 184 -8.34 8.65 22.98
C LEU A 184 -8.83 10.08 23.16
N SER A 185 -9.72 10.50 22.27
CA SER A 185 -10.26 11.86 22.31
C SER A 185 -11.73 11.82 21.91
N THR A 186 -12.47 12.81 22.39
CA THR A 186 -13.89 12.95 22.06
C THR A 186 -14.18 14.20 21.25
N GLY A 187 -13.17 14.98 20.88
CA GLY A 187 -13.38 16.27 20.27
C GLY A 187 -13.97 17.31 21.20
N ASP A 188 -14.38 16.93 22.41
CA ASP A 188 -14.95 17.81 23.40
C ASP A 188 -13.87 18.17 24.43
N GLN A 189 -14.29 18.71 25.58
CA GLN A 189 -13.38 18.99 26.68
C GLN A 189 -13.19 17.80 27.60
N ALA A 190 -14.04 16.78 27.50
CA ALA A 190 -13.89 15.60 28.35
C ALA A 190 -12.56 14.90 28.10
N ALA A 191 -12.18 14.73 26.83
CA ALA A 191 -10.90 14.12 26.47
C ALA A 191 -10.35 14.87 25.26
N LYS A 192 -9.48 15.85 25.52
CA LYS A 192 -8.86 16.60 24.45
C LYS A 192 -7.96 15.70 23.60
N GLY A 193 -7.32 14.72 24.22
CA GLY A 193 -6.47 13.80 23.48
C GLY A 193 -5.02 14.24 23.46
N ASN A 194 -4.27 13.60 22.57
CA ASN A 194 -2.85 13.90 22.36
C ASN A 194 -2.05 13.74 23.65
N TYR A 195 -2.41 12.73 24.44
CA TYR A 195 -1.77 12.52 25.73
C TYR A 195 -0.35 12.00 25.55
N GLY A 196 -0.10 11.18 24.52
CA GLY A 196 1.24 10.71 24.26
C GLY A 196 2.17 11.84 23.84
N LEU A 197 1.69 12.74 22.97
CA LEU A 197 2.45 13.92 22.62
C LEU A 197 2.76 14.76 23.86
N LEU A 198 1.80 14.85 24.77
CA LEU A 198 2.03 15.59 26.01
C LEU A 198 3.05 14.88 26.89
N ASP A 199 3.10 13.54 26.85
CA ASP A 199 4.16 12.82 27.54
C ASP A 199 5.52 13.15 26.94
N GLN A 200 5.59 13.24 25.61
CA GLN A 200 6.84 13.62 24.97
C GLN A 200 7.25 15.03 25.36
N ILE A 201 6.29 15.95 25.47
CA ILE A 201 6.59 17.31 25.91
C ILE A 201 7.08 17.30 27.36
N GLN A 202 6.47 16.46 28.20
CA GLN A 202 6.90 16.36 29.59
C GLN A 202 8.32 15.82 29.70
N ALA A 203 8.68 14.87 28.83
CA ALA A 203 10.05 14.39 28.80
C ALA A 203 11.01 15.45 28.28
N LEU A 204 10.53 16.30 27.35
CA LEU A 204 11.35 17.40 26.88
C LEU A 204 11.61 18.41 28.00
N ARG A 205 10.60 18.69 28.82
CA ARG A 205 10.81 19.57 29.96
C ARG A 205 11.73 18.92 30.99
N TRP A 206 11.54 17.63 31.25
CA TRP A 206 12.41 16.89 32.17
C TRP A 206 13.87 17.02 31.73
N LEU A 207 14.15 16.73 30.46
CA LEU A 207 15.51 16.84 29.97
C LEU A 207 15.99 18.30 29.96
N SER A 208 15.09 19.25 29.74
CA SER A 208 15.51 20.65 29.71
C SER A 208 16.03 21.12 31.06
N GLU A 209 15.51 20.57 32.16
CA GLU A 209 15.91 20.98 33.50
C GLU A 209 16.53 19.83 34.29
N ASN A 210 17.01 18.79 33.61
CA ASN A 210 17.71 17.70 34.29
C ASN A 210 18.89 17.12 33.52
N ILE A 211 19.03 17.39 32.22
CA ILE A 211 20.16 16.83 31.48
C ILE A 211 21.46 17.53 31.86
N ALA A 212 21.38 18.75 32.39
CA ALA A 212 22.59 19.44 32.82
C ALA A 212 23.31 18.69 33.94
N HIS A 213 22.56 17.94 34.75
CA HIS A 213 23.18 17.11 35.77
C HIS A 213 24.03 16.02 35.15
N PHE A 214 23.64 15.53 33.97
CA PHE A 214 24.39 14.52 33.24
C PHE A 214 25.47 15.12 32.35
N GLY A 215 25.78 16.40 32.51
CA GLY A 215 26.73 17.07 31.65
C GLY A 215 26.20 17.45 30.29
N GLY A 216 24.93 17.16 30.00
CA GLY A 216 24.36 17.49 28.71
C GLY A 216 24.00 18.96 28.57
N ASP A 217 23.65 19.33 27.34
CA ASP A 217 23.32 20.71 27.02
C ASP A 217 21.83 20.86 26.79
N PRO A 218 21.08 21.53 27.68
CA PRO A 218 19.66 21.79 27.39
C PRO A 218 19.44 22.75 26.24
N GLU A 219 20.47 23.42 25.75
CA GLU A 219 20.34 24.38 24.65
C GLU A 219 20.71 23.80 23.30
N ARG A 220 21.08 22.52 23.25
CA ARG A 220 21.35 21.83 21.98
C ARG A 220 20.64 20.48 22.02
N ILE A 221 19.32 20.52 22.15
CA ILE A 221 18.48 19.33 22.18
C ILE A 221 17.87 19.13 20.81
N THR A 222 17.95 17.90 20.31
CA THR A 222 17.44 17.54 18.99
C THR A 222 16.60 16.28 19.13
N ILE A 223 15.39 16.30 18.57
CA ILE A 223 14.51 15.15 18.56
C ILE A 223 14.54 14.53 17.17
N PHE A 224 14.45 13.20 17.11
CA PHE A 224 14.48 12.49 15.84
C PHE A 224 13.67 11.21 15.97
N GLY A 225 12.99 10.85 14.89
CA GLY A 225 12.16 9.65 14.90
C GLY A 225 11.88 9.19 13.49
N SER A 226 11.34 7.97 13.40
CA SER A 226 11.00 7.36 12.13
C SER A 226 9.53 6.97 12.13
N GLY A 227 8.89 7.11 10.97
CA GLY A 227 7.49 6.71 10.86
C GLY A 227 6.60 7.63 11.68
N ALA A 228 5.67 7.02 12.42
CA ALA A 228 4.76 7.79 13.27
C ALA A 228 5.53 8.66 14.27
N GLY A 229 6.72 8.23 14.67
CA GLY A 229 7.54 9.06 15.53
C GLY A 229 7.97 10.35 14.87
N ALA A 230 8.31 10.28 13.57
CA ALA A 230 8.64 11.50 12.83
C ALA A 230 7.41 12.37 12.64
N SER A 231 6.24 11.76 12.44
CA SER A 231 5.00 12.52 12.48
C SER A 231 4.90 13.32 13.78
N CYS A 232 5.15 12.65 14.91
CA CYS A 232 5.17 13.34 16.20
C CYS A 232 6.21 14.45 16.21
N VAL A 233 7.35 14.23 15.54
CA VAL A 233 8.38 15.27 15.46
C VAL A 233 7.82 16.53 14.82
N ASN A 234 7.21 16.39 13.64
CA ASN A 234 6.64 17.56 12.97
C ASN A 234 5.52 18.20 13.80
N LEU A 235 4.70 17.36 14.45
CA LEU A 235 3.66 17.90 15.32
C LEU A 235 4.24 18.78 16.41
N LEU A 236 5.29 18.30 17.09
CA LEU A 236 5.94 19.10 18.11
C LEU A 236 6.65 20.33 17.53
N ILE A 237 7.02 20.28 16.26
CA ILE A 237 7.47 21.51 15.60
C ILE A 237 6.34 22.52 15.53
N LEU A 238 5.11 22.06 15.27
CA LEU A 238 3.98 22.97 15.14
C LEU A 238 3.32 23.32 16.48
N SER A 239 3.79 22.75 17.59
CA SER A 239 3.14 22.94 18.88
C SER A 239 3.73 24.11 19.64
N HIS A 240 2.88 24.75 20.45
CA HIS A 240 3.33 25.84 21.32
C HIS A 240 4.01 25.33 22.59
N HIS A 241 3.60 24.16 23.08
CA HIS A 241 4.12 23.65 24.35
C HIS A 241 5.60 23.29 24.29
N SER A 242 6.17 23.14 23.10
CA SER A 242 7.58 22.84 22.93
C SER A 242 8.40 24.08 22.62
N GLU A 243 8.02 25.23 23.19
CA GLU A 243 8.60 26.50 22.78
C GLU A 243 10.10 26.56 23.08
N GLY A 244 10.47 26.34 24.34
CA GLY A 244 11.86 26.42 24.75
C GLY A 244 12.56 25.09 24.96
N LEU A 245 11.97 23.99 24.51
CA LEU A 245 12.44 22.67 24.90
C LEU A 245 13.51 22.11 23.97
N PHE A 246 13.36 22.25 22.66
CA PHE A 246 14.37 21.76 21.73
C PHE A 246 14.54 22.75 20.58
N GLN A 247 15.64 22.57 19.84
CA GLN A 247 16.02 23.47 18.77
C GLN A 247 16.02 22.81 17.39
N LYS A 248 16.47 21.57 17.29
CA LYS A 248 16.56 20.87 16.02
C LYS A 248 15.59 19.69 16.00
N ALA A 249 15.21 19.28 14.79
CA ALA A 249 14.26 18.21 14.60
C ALA A 249 14.64 17.43 13.34
N ILE A 250 14.37 16.12 13.36
CA ILE A 250 14.70 15.23 12.26
C ILE A 250 13.50 14.32 12.01
N ALA A 251 12.91 14.44 10.82
CA ALA A 251 11.80 13.60 10.41
C ALA A 251 12.30 12.57 9.41
N GLN A 252 12.22 11.29 9.79
CA GLN A 252 12.68 10.18 8.96
C GLN A 252 11.47 9.39 8.53
N SER A 253 11.04 9.58 7.28
CA SER A 253 9.95 8.81 6.69
C SER A 253 8.64 9.02 7.45
N GLY A 254 8.43 10.23 7.95
CA GLY A 254 7.21 10.54 8.68
C GLY A 254 6.85 12.02 8.57
N THR A 255 5.56 12.31 8.45
CA THR A 255 5.10 13.66 8.21
C THR A 255 3.78 13.86 8.95
N ALA A 256 3.42 15.12 9.16
CA ALA A 256 2.20 15.47 9.87
C ALA A 256 1.00 15.71 8.94
N ILE A 257 1.18 15.56 7.62
CA ILE A 257 0.09 15.81 6.67
C ILE A 257 -0.35 14.55 5.95
N SER A 258 0.25 13.41 6.23
CA SER A 258 -0.18 12.17 5.59
C SER A 258 -1.54 11.72 6.15
N SER A 259 -2.12 10.73 5.46
CA SER A 259 -3.48 10.30 5.81
C SER A 259 -3.55 9.74 7.22
N TRP A 260 -2.52 9.01 7.64
CA TRP A 260 -2.49 8.41 8.98
C TRP A 260 -1.75 9.25 10.00
N SER A 261 -1.41 10.49 9.66
CA SER A 261 -0.67 11.33 10.62
C SER A 261 -1.55 11.75 11.78
N VAL A 262 -2.77 12.22 11.50
CA VAL A 262 -3.67 12.78 12.50
C VAL A 262 -5.02 12.09 12.39
N ASN A 263 -5.66 11.87 13.53
CA ASN A 263 -7.02 11.36 13.58
C ASN A 263 -7.99 12.53 13.47
N TYR A 264 -8.90 12.45 12.50
CA TYR A 264 -9.92 13.48 12.30
C TYR A 264 -11.32 12.99 12.62
N GLN A 265 -11.46 11.76 13.08
CA GLN A 265 -12.74 11.22 13.57
C GLN A 265 -12.49 10.58 14.93
N PRO A 266 -12.15 11.38 15.95
CA PRO A 266 -11.83 10.80 17.27
C PRO A 266 -13.06 10.29 17.99
N LEU A 267 -14.13 11.08 17.99
CA LEU A 267 -15.35 10.69 18.69
C LEU A 267 -15.97 9.44 18.09
N LYS A 268 -15.85 9.27 16.77
CA LYS A 268 -16.40 8.07 16.12
C LYS A 268 -15.78 6.81 16.69
N TYR A 269 -14.45 6.68 16.58
CA TYR A 269 -13.79 5.46 17.04
C TYR A 269 -13.79 5.35 18.56
N THR A 270 -13.81 6.49 19.27
CA THR A 270 -13.93 6.44 20.73
C THR A 270 -15.28 5.88 21.14
N ARG A 271 -16.34 6.21 20.38
CA ARG A 271 -17.65 5.66 20.69
C ARG A 271 -17.79 4.21 20.24
N LEU A 272 -17.08 3.81 19.18
CA LEU A 272 -17.02 2.39 18.83
C LEU A 272 -16.35 1.59 19.95
N LEU A 273 -15.16 2.02 20.38
CA LEU A 273 -14.46 1.35 21.46
C LEU A 273 -15.29 1.35 22.74
N ALA A 274 -15.95 2.48 23.04
CA ALA A 274 -16.81 2.54 24.23
C ALA A 274 -17.94 1.54 24.12
N ALA A 275 -18.55 1.42 22.94
CA ALA A 275 -19.59 0.42 22.75
C ALA A 275 -19.05 -1.00 22.92
N LYS A 276 -17.76 -1.21 22.63
CA LYS A 276 -17.19 -2.54 22.79
C LYS A 276 -17.05 -2.93 24.27
N VAL A 277 -16.69 -1.98 25.13
CA VAL A 277 -16.41 -2.29 26.53
C VAL A 277 -17.58 -1.88 27.41
N GLY A 278 -18.80 -1.89 26.85
CA GLY A 278 -19.98 -1.57 27.64
C GLY A 278 -19.96 -0.18 28.25
N CYS A 279 -19.38 0.79 27.54
CA CYS A 279 -19.20 2.15 28.03
C CYS A 279 -19.87 3.21 27.15
N ASP A 280 -20.91 2.84 26.42
CA ASP A 280 -21.55 3.77 25.50
C ASP A 280 -22.59 4.58 26.26
N ARG A 281 -22.19 5.77 26.71
CA ARG A 281 -23.09 6.74 27.32
C ARG A 281 -23.04 8.03 26.50
N GLU A 282 -24.23 8.59 26.21
CA GLU A 282 -24.30 9.73 25.30
C GLU A 282 -23.68 11.00 25.88
N ASP A 283 -23.15 10.96 27.10
CA ASP A 283 -22.39 12.07 27.66
C ASP A 283 -20.91 11.70 27.62
N SER A 284 -20.10 12.59 27.03
CA SER A 284 -18.69 12.27 26.82
C SER A 284 -17.95 12.15 28.15
N ALA A 285 -18.31 12.98 29.13
CA ALA A 285 -17.64 12.91 30.43
C ALA A 285 -17.99 11.63 31.18
N GLU A 286 -19.20 11.10 30.98
CA GLU A 286 -19.58 9.86 31.64
C GLU A 286 -18.94 8.65 30.97
N ALA A 287 -18.86 8.66 29.62
CA ALA A 287 -18.18 7.58 28.93
C ALA A 287 -16.69 7.57 29.26
N VAL A 288 -16.07 8.76 29.27
CA VAL A 288 -14.69 8.85 29.76
C VAL A 288 -14.61 8.40 31.21
N GLU A 289 -15.69 8.61 31.98
CA GLU A 289 -15.65 8.26 33.39
C GLU A 289 -15.64 6.75 33.61
N CYS A 290 -16.49 6.01 32.89
CA CYS A 290 -16.45 4.56 32.99
C CYS A 290 -15.20 3.99 32.32
N LEU A 291 -14.67 4.67 31.30
CA LEU A 291 -13.46 4.18 30.64
C LEU A 291 -12.25 4.21 31.58
N ARG A 292 -12.25 5.13 32.55
CA ARG A 292 -11.15 5.19 33.51
C ARG A 292 -11.20 4.05 34.52
N ARG A 293 -12.34 3.37 34.64
CA ARG A 293 -12.47 2.24 35.57
C ARG A 293 -12.03 0.92 34.95
N LYS A 294 -12.33 0.74 33.66
CA LYS A 294 -11.99 -0.51 32.99
C LYS A 294 -10.48 -0.71 32.98
N PRO A 295 -10.00 -1.93 33.25
CA PRO A 295 -8.54 -2.15 33.28
C PRO A 295 -7.92 -2.00 31.91
N SER A 296 -6.65 -1.61 31.90
CA SER A 296 -5.94 -1.40 30.64
C SER A 296 -5.88 -2.66 29.80
N ARG A 297 -5.83 -3.83 30.44
CA ARG A 297 -5.74 -5.09 29.71
C ARG A 297 -6.96 -5.31 28.83
N GLU A 298 -8.14 -4.95 29.32
CA GLU A 298 -9.36 -5.12 28.54
C GLU A 298 -9.62 -3.99 27.56
N LEU A 299 -8.84 -2.90 27.62
CA LEU A 299 -8.94 -1.83 26.65
C LEU A 299 -7.99 -2.02 25.49
N VAL A 300 -6.74 -2.42 25.76
CA VAL A 300 -5.78 -2.60 24.69
C VAL A 300 -6.06 -3.86 23.87
N ASP A 301 -6.78 -4.83 24.44
CA ASP A 301 -7.13 -6.03 23.71
C ASP A 301 -8.29 -5.82 22.74
N GLN A 302 -8.99 -4.70 22.83
CA GLN A 302 -10.03 -4.38 21.87
C GLN A 302 -9.40 -3.83 20.59
N ASP A 303 -9.91 -4.29 19.45
CA ASP A 303 -9.38 -3.92 18.13
C ASP A 303 -10.46 -3.14 17.37
N VAL A 304 -10.33 -1.82 17.35
CA VAL A 304 -11.25 -0.96 16.62
C VAL A 304 -10.67 -0.72 15.24
N GLN A 305 -11.25 -1.36 14.24
CA GLN A 305 -10.75 -1.25 12.88
C GLN A 305 -10.98 0.16 12.34
N PRO A 306 -9.94 0.86 11.90
CA PRO A 306 -10.15 2.19 11.31
C PRO A 306 -10.45 2.13 9.83
N ALA A 307 -10.60 3.29 9.19
CA ALA A 307 -10.71 3.33 7.75
C ALA A 307 -9.35 2.99 7.12
N ARG A 308 -9.39 2.56 5.86
CA ARG A 308 -8.17 2.20 5.16
C ARG A 308 -7.23 3.40 5.10
N TYR A 309 -5.96 3.16 5.44
CA TYR A 309 -4.89 4.17 5.43
C TYR A 309 -5.12 5.26 6.46
N HIS A 310 -5.95 5.01 7.45
CA HIS A 310 -6.21 5.96 8.54
C HIS A 310 -5.87 5.30 9.87
N ILE A 311 -6.19 6.01 10.96
CA ILE A 311 -6.00 5.51 12.31
C ILE A 311 -7.26 5.75 13.11
N ALA A 312 -7.51 4.89 14.10
CA ALA A 312 -8.66 5.06 14.98
C ALA A 312 -8.31 5.83 16.24
N PHE A 313 -7.07 5.73 16.71
CA PHE A 313 -6.61 6.46 17.88
C PHE A 313 -5.21 7.01 17.59
N GLY A 314 -5.09 8.33 17.58
CA GLY A 314 -3.83 8.98 17.32
C GLY A 314 -3.90 10.45 17.67
N PRO A 315 -2.89 11.22 17.26
CA PRO A 315 -2.93 12.66 17.46
C PRO A 315 -4.18 13.27 16.83
N VAL A 316 -4.75 14.26 17.50
CA VAL A 316 -5.96 14.93 17.05
C VAL A 316 -5.73 16.43 17.09
N VAL A 317 -6.65 17.16 16.46
CA VAL A 317 -6.58 18.63 16.43
C VAL A 317 -7.38 19.11 17.63
N ASP A 318 -6.72 19.10 18.79
CA ASP A 318 -7.36 19.50 20.04
C ASP A 318 -7.56 21.00 20.15
N GLY A 319 -6.89 21.79 19.31
CA GLY A 319 -6.86 23.22 19.48
C GLY A 319 -5.91 23.70 20.55
N ASP A 320 -5.22 22.80 21.24
CA ASP A 320 -4.29 23.17 22.29
C ASP A 320 -2.87 22.81 21.88
N VAL A 321 -2.48 21.54 22.06
CA VAL A 321 -1.12 21.14 21.68
C VAL A 321 -0.97 21.15 20.16
N VAL A 322 -2.05 20.89 19.43
CA VAL A 322 -2.09 21.10 17.99
C VAL A 322 -3.12 22.20 17.73
N PRO A 323 -2.68 23.44 17.49
CA PRO A 323 -3.65 24.55 17.42
C PRO A 323 -4.69 24.39 16.32
N ASP A 324 -4.29 23.89 15.16
CA ASP A 324 -5.22 23.72 14.04
C ASP A 324 -4.68 22.61 13.14
N ASP A 325 -5.25 22.48 11.96
CA ASP A 325 -4.78 21.49 11.00
C ASP A 325 -3.31 21.73 10.69
N PRO A 326 -2.46 20.70 10.76
CA PRO A 326 -1.02 20.91 10.49
C PRO A 326 -0.74 21.52 9.13
N GLU A 327 -1.51 21.14 8.10
CA GLU A 327 -1.30 21.73 6.79
C GLU A 327 -1.66 23.21 6.78
N ILE A 328 -2.74 23.58 7.46
CA ILE A 328 -3.09 25.00 7.57
C ILE A 328 -2.01 25.74 8.37
N LEU A 329 -1.50 25.11 9.43
CA LEU A 329 -0.44 25.74 10.21
C LEU A 329 0.81 25.98 9.37
N MET A 330 1.14 25.05 8.48
CA MET A 330 2.34 25.21 7.66
C MET A 330 2.11 26.15 6.49
N GLN A 331 0.87 26.28 6.00
CA GLN A 331 0.59 27.22 4.93
C GLN A 331 0.51 28.65 5.45
N GLN A 332 0.01 28.85 6.66
CA GLN A 332 -0.10 30.17 7.26
C GLN A 332 1.18 30.60 7.98
N GLY A 333 2.21 29.75 8.00
CA GLY A 333 3.45 30.10 8.66
C GLY A 333 3.35 30.25 10.15
N GLU A 334 2.50 29.45 10.80
CA GLU A 334 2.26 29.57 12.24
C GLU A 334 3.10 28.53 12.98
N PHE A 335 4.41 28.73 12.95
CA PHE A 335 5.35 27.84 13.61
C PHE A 335 6.67 28.57 13.80
N LEU A 336 7.57 27.92 14.53
CA LEU A 336 8.89 28.47 14.82
C LEU A 336 9.95 27.83 13.93
N ASN A 337 11.06 28.55 13.77
CA ASN A 337 12.11 28.15 12.83
C ASN A 337 13.05 27.13 13.47
N TYR A 338 12.52 25.93 13.68
CA TYR A 338 13.37 24.82 14.04
C TYR A 338 14.18 24.38 12.82
N ASP A 339 15.31 23.73 13.07
CA ASP A 339 16.13 23.18 12.00
C ASP A 339 15.63 21.77 11.69
N MET A 340 15.17 21.58 10.45
CA MET A 340 14.52 20.34 10.05
C MET A 340 15.40 19.55 9.09
N LEU A 341 15.42 18.24 9.28
CA LEU A 341 16.14 17.31 8.41
C LEU A 341 15.14 16.24 8.01
N ILE A 342 14.54 16.40 6.84
CA ILE A 342 13.53 15.47 6.36
C ILE A 342 14.18 14.53 5.35
N GLY A 343 13.48 13.45 5.03
CA GLY A 343 13.97 12.49 4.05
C GLY A 343 13.07 11.29 3.91
N VAL A 344 13.18 10.59 2.78
CA VAL A 344 12.34 9.44 2.51
C VAL A 344 13.21 8.32 1.94
N ASN A 345 12.75 7.09 2.11
CA ASN A 345 13.39 5.95 1.48
C ASN A 345 12.86 5.76 0.07
N GLN A 346 13.59 4.99 -0.73
CA GLN A 346 13.22 4.80 -2.12
C GLN A 346 11.95 3.98 -2.26
N GLY A 347 11.85 2.87 -1.52
CA GLY A 347 10.75 1.94 -1.72
C GLY A 347 9.88 1.70 -0.50
N GLU A 348 9.52 2.75 0.21
CA GLU A 348 8.57 2.63 1.30
C GLU A 348 7.20 2.23 0.76
N GLY A 349 6.42 1.57 1.61
CA GLY A 349 5.21 0.92 1.12
C GLY A 349 5.49 -0.41 0.46
N LEU A 350 6.58 -1.08 0.83
CA LEU A 350 6.84 -2.43 0.35
C LEU A 350 5.71 -3.37 0.74
N LYS A 351 5.20 -3.23 1.96
CA LYS A 351 4.09 -4.06 2.43
C LYS A 351 2.80 -3.78 1.66
N PHE A 352 2.71 -2.62 1.00
CA PHE A 352 1.47 -2.26 0.31
C PHE A 352 1.23 -3.14 -0.91
N VAL A 353 2.29 -3.53 -1.61
CA VAL A 353 2.12 -4.30 -2.84
C VAL A 353 2.04 -5.79 -2.57
N GLU A 354 2.61 -6.27 -1.47
CA GLU A 354 2.57 -7.70 -1.16
C GLU A 354 1.35 -8.03 -0.31
N VAL A 363 1.81 -8.18 -10.63
CA VAL A 363 0.47 -7.69 -10.33
C VAL A 363 -0.41 -7.71 -11.58
N SER A 364 -1.63 -8.22 -11.42
CA SER A 364 -2.58 -8.25 -12.52
C SER A 364 -3.03 -6.84 -12.89
N ALA A 365 -3.38 -6.66 -14.16
CA ALA A 365 -3.96 -5.39 -14.58
C ALA A 365 -5.29 -5.14 -13.89
N SER A 366 -6.12 -6.18 -13.77
CA SER A 366 -7.38 -6.06 -13.03
C SER A 366 -7.12 -5.71 -11.56
N ALA A 367 -6.16 -6.39 -10.93
CA ALA A 367 -5.80 -6.06 -9.56
C ALA A 367 -5.30 -4.63 -9.44
N PHE A 368 -4.51 -4.18 -10.42
CA PHE A 368 -4.07 -2.79 -10.46
C PHE A 368 -5.27 -1.84 -10.46
N ASP A 369 -6.25 -2.12 -11.32
CA ASP A 369 -7.47 -1.31 -11.36
C ASP A 369 -8.18 -1.31 -10.01
N PHE A 370 -8.25 -2.46 -9.35
CA PHE A 370 -9.00 -2.56 -8.10
C PHE A 370 -8.31 -1.82 -6.97
N THR A 371 -7.00 -2.01 -6.81
CA THR A 371 -6.29 -1.33 -5.73
C THR A 371 -6.19 0.17 -5.96
N VAL A 372 -6.13 0.60 -7.23
CA VAL A 372 -6.22 2.04 -7.48
C VAL A 372 -7.61 2.55 -7.16
N SER A 373 -8.64 1.73 -7.42
CA SER A 373 -10.00 2.13 -7.09
C SER A 373 -10.17 2.34 -5.59
N ASN A 374 -9.77 1.36 -4.77
CA ASN A 374 -9.83 1.53 -3.33
C ASN A 374 -8.92 2.65 -2.86
N PHE A 375 -7.79 2.85 -3.54
CA PHE A 375 -6.91 3.98 -3.22
C PHE A 375 -7.66 5.30 -3.35
N VAL A 376 -8.31 5.51 -4.48
CA VAL A 376 -9.02 6.78 -4.71
C VAL A 376 -10.19 6.91 -3.75
N ASP A 377 -10.97 5.84 -3.57
CA ASP A 377 -12.16 5.94 -2.73
C ASP A 377 -11.81 6.16 -1.26
N ASN A 378 -10.67 5.63 -0.80
CA ASN A 378 -10.32 5.77 0.61
C ASN A 378 -9.53 7.05 0.89
N LEU A 379 -8.55 7.38 0.04
CA LEU A 379 -7.73 8.56 0.29
C LEU A 379 -8.35 9.84 -0.22
N TYR A 380 -9.50 9.79 -0.90
CA TYR A 380 -10.13 11.00 -1.41
C TYR A 380 -11.62 11.04 -1.12
N GLY A 381 -12.07 10.30 -0.12
CA GLY A 381 -13.42 10.45 0.41
C GLY A 381 -14.53 10.15 -0.56
N TYR A 382 -14.38 9.08 -1.36
CA TYR A 382 -15.38 8.65 -2.32
C TYR A 382 -15.90 9.83 -3.16
N PRO A 383 -15.00 10.53 -3.86
CA PRO A 383 -15.39 11.80 -4.48
C PRO A 383 -16.04 11.62 -5.84
N GLU A 384 -17.03 12.46 -6.11
CA GLU A 384 -17.58 12.56 -7.46
C GLU A 384 -16.47 12.98 -8.42
N GLY A 385 -16.29 12.20 -9.47
CA GLY A 385 -15.10 12.30 -10.29
C GLY A 385 -14.04 11.27 -9.99
N LYS A 386 -14.37 10.26 -9.18
CA LYS A 386 -13.43 9.17 -8.87
C LYS A 386 -13.01 8.41 -10.12
N ASP A 387 -13.81 8.44 -11.18
CA ASP A 387 -13.42 7.75 -12.41
C ASP A 387 -12.31 8.51 -13.12
N VAL A 388 -12.44 9.83 -13.25
CA VAL A 388 -11.39 10.65 -13.84
C VAL A 388 -10.10 10.51 -13.04
N LEU A 389 -10.20 10.68 -11.72
CA LEU A 389 -9.03 10.58 -10.85
C LEU A 389 -8.39 9.20 -10.96
N ARG A 390 -9.20 8.15 -10.93
CA ARG A 390 -8.66 6.79 -10.97
C ARG A 390 -7.95 6.53 -12.30
N GLU A 391 -8.57 6.91 -13.42
CA GLU A 391 -7.96 6.61 -14.71
C GLU A 391 -6.71 7.44 -14.96
N THR A 392 -6.71 8.71 -14.52
CA THR A 392 -5.50 9.52 -14.71
C THR A 392 -4.40 9.12 -13.74
N ILE A 393 -4.74 8.55 -12.58
CA ILE A 393 -3.71 8.01 -11.70
C ILE A 393 -3.12 6.73 -12.28
N LYS A 394 -3.99 5.85 -12.79
CA LYS A 394 -3.49 4.65 -13.46
C LYS A 394 -2.63 5.00 -14.66
N PHE A 395 -2.97 6.08 -15.37
CA PHE A 395 -2.13 6.52 -16.48
C PHE A 395 -0.80 7.05 -15.97
N MET A 396 -0.83 7.92 -14.96
CA MET A 396 0.40 8.55 -14.47
C MET A 396 1.39 7.54 -13.92
N TYR A 397 0.89 6.43 -13.37
CA TYR A 397 1.79 5.40 -12.85
C TYR A 397 1.73 4.16 -13.72
N THR A 398 2.01 4.33 -15.01
CA THR A 398 2.11 3.22 -15.96
C THR A 398 3.19 3.58 -16.97
N ASP A 399 4.37 2.98 -16.82
CA ASP A 399 5.41 3.02 -17.84
C ASP A 399 4.87 2.41 -19.13
N TRP A 400 4.70 3.24 -20.16
CA TRP A 400 4.08 2.78 -21.39
C TRP A 400 5.07 2.17 -22.39
N ALA A 401 6.38 2.24 -22.10
CA ALA A 401 7.34 1.55 -22.93
C ALA A 401 7.15 0.03 -22.87
N ASP A 402 6.65 -0.47 -21.75
CA ASP A 402 6.16 -1.84 -21.65
C ASP A 402 4.99 -1.82 -20.68
N ARG A 403 3.77 -2.01 -21.19
CA ARG A 403 2.57 -2.04 -20.37
C ARG A 403 1.98 -3.44 -20.26
N ASP A 404 2.79 -4.47 -20.54
CA ASP A 404 2.31 -5.84 -20.64
C ASP A 404 2.47 -6.60 -19.32
N ASN A 405 3.70 -6.69 -18.83
CA ASN A 405 4.01 -7.57 -17.71
C ASN A 405 3.64 -6.93 -16.37
N GLY A 406 3.48 -7.76 -15.36
CA GLY A 406 3.07 -7.35 -14.03
C GLY A 406 4.19 -6.98 -13.08
N GLU A 407 5.44 -7.33 -13.41
CA GLU A 407 6.57 -6.87 -12.61
C GLU A 407 6.61 -5.34 -12.56
N MET A 408 6.56 -4.71 -13.73
CA MET A 408 6.49 -3.26 -13.81
C MET A 408 5.26 -2.72 -13.09
N ARG A 409 4.13 -3.43 -13.19
CA ARG A 409 2.95 -3.00 -12.44
C ARG A 409 3.21 -2.95 -10.95
N ARG A 410 3.92 -3.97 -10.43
CA ARG A 410 4.33 -3.95 -9.04
C ARG A 410 5.23 -2.76 -8.73
N LYS A 411 6.18 -2.47 -9.63
CA LYS A 411 7.06 -1.32 -9.42
C LYS A 411 6.27 -0.02 -9.35
N THR A 412 5.27 0.14 -10.23
CA THR A 412 4.51 1.39 -10.27
C THR A 412 3.54 1.48 -9.11
N LEU A 413 3.07 0.36 -8.56
CA LEU A 413 2.29 0.42 -7.34
C LEU A 413 3.16 0.85 -6.17
N LEU A 414 4.35 0.24 -6.04
CA LEU A 414 5.29 0.65 -5.00
C LEU A 414 5.60 2.13 -5.10
N ALA A 415 5.86 2.62 -6.32
CA ALA A 415 6.09 4.05 -6.51
C ALA A 415 4.84 4.87 -6.21
N LEU A 416 3.66 4.30 -6.44
CA LEU A 416 2.41 5.01 -6.17
C LEU A 416 2.27 5.28 -4.67
N PHE A 417 2.27 4.23 -3.86
CA PHE A 417 2.12 4.41 -2.42
C PHE A 417 3.29 5.19 -1.83
N THR A 418 4.51 4.87 -2.27
CA THR A 418 5.70 5.59 -1.80
C THR A 418 5.59 7.08 -2.09
N ASP A 419 5.07 7.44 -3.27
CA ASP A 419 4.95 8.85 -3.63
C ASP A 419 3.84 9.54 -2.84
N HIS A 420 2.66 8.94 -2.78
CA HIS A 420 1.52 9.63 -2.18
C HIS A 420 1.68 9.75 -0.67
N GLN A 421 2.14 8.70 0.00
CA GLN A 421 2.16 8.73 1.46
C GLN A 421 3.41 9.37 2.03
N TRP A 422 4.57 9.20 1.40
CA TRP A 422 5.82 9.63 2.01
C TRP A 422 6.53 10.72 1.22
N VAL A 423 6.73 10.54 -0.08
CA VAL A 423 7.57 11.48 -0.84
C VAL A 423 6.89 12.83 -0.96
N ALA A 424 5.63 12.85 -1.42
CA ALA A 424 4.94 14.13 -1.61
C ALA A 424 4.72 14.88 -0.31
N PRO A 425 4.24 14.27 0.78
CA PRO A 425 4.14 15.02 2.03
C PRO A 425 5.47 15.51 2.56
N ALA A 426 6.55 14.74 2.36
CA ALA A 426 7.87 15.20 2.80
C ALA A 426 8.31 16.42 2.02
N VAL A 427 8.19 16.39 0.69
CA VAL A 427 8.59 17.53 -0.12
C VAL A 427 7.73 18.74 0.19
N ALA A 428 6.43 18.53 0.42
CA ALA A 428 5.54 19.64 0.75
C ALA A 428 5.93 20.26 2.09
N THR A 429 6.24 19.43 3.09
CA THR A 429 6.63 19.96 4.40
C THR A 429 7.94 20.72 4.31
N ALA A 430 8.95 20.13 3.66
CA ALA A 430 10.23 20.79 3.52
C ALA A 430 10.10 22.11 2.75
N LYS A 431 9.22 22.13 1.74
CA LYS A 431 9.00 23.36 0.98
C LYS A 431 8.35 24.44 1.84
N LEU A 432 7.24 24.09 2.51
CA LEU A 432 6.51 25.08 3.29
C LEU A 432 7.36 25.63 4.43
N HIS A 433 8.12 24.76 5.10
CA HIS A 433 8.98 25.24 6.18
C HIS A 433 10.14 26.06 5.64
N ALA A 434 10.76 25.60 4.54
CA ALA A 434 11.90 26.33 3.97
C ALA A 434 11.50 27.68 3.39
N ASP A 435 10.22 27.86 3.01
CA ASP A 435 9.79 29.14 2.48
C ASP A 435 9.87 30.25 3.53
N TYR A 436 9.57 29.92 4.79
CA TYR A 436 9.69 30.88 5.88
C TYR A 436 11.08 30.87 6.52
N GLN A 437 12.12 30.58 5.72
CA GLN A 437 13.51 30.69 6.12
C GLN A 437 13.88 29.73 7.25
N SER A 438 13.19 28.60 7.35
CA SER A 438 13.64 27.53 8.23
C SER A 438 14.67 26.68 7.49
N PRO A 439 15.87 26.51 8.04
CA PRO A 439 16.89 25.68 7.36
C PRO A 439 16.45 24.22 7.34
N VAL A 440 16.29 23.68 6.13
CA VAL A 440 15.82 22.32 5.93
C VAL A 440 16.87 21.56 5.12
N TYR A 441 17.09 20.29 5.48
CA TYR A 441 18.00 19.41 4.76
C TYR A 441 17.26 18.13 4.41
N PHE A 442 17.16 17.83 3.12
CA PHE A 442 16.36 16.73 2.60
C PHE A 442 17.27 15.59 2.17
N TYR A 443 16.88 14.37 2.49
CA TYR A 443 17.65 13.19 2.14
C TYR A 443 16.74 12.13 1.51
N THR A 444 17.34 11.31 0.65
CA THR A 444 16.66 10.17 0.04
C THR A 444 17.54 8.94 0.24
N PHE A 445 17.06 7.98 1.02
CA PHE A 445 17.80 6.77 1.36
C PHE A 445 17.56 5.72 0.28
N TYR A 446 18.61 5.31 -0.41
CA TYR A 446 18.49 4.36 -1.52
C TYR A 446 19.06 2.99 -1.23
N HIS A 447 20.15 2.90 -0.48
CA HIS A 447 20.73 1.60 -0.15
C HIS A 447 20.11 1.07 1.14
N HIS A 448 19.65 -0.18 1.10
CA HIS A 448 19.07 -0.82 2.27
C HIS A 448 19.96 -1.98 2.72
N CYS A 449 19.44 -2.77 3.66
CA CYS A 449 20.20 -3.83 4.31
C CYS A 449 19.66 -5.18 3.86
N GLN A 450 20.57 -6.14 3.66
CA GLN A 450 20.23 -7.42 3.05
C GLN A 450 19.82 -8.41 4.13
N ALA A 451 18.58 -8.90 4.05
CA ALA A 451 18.06 -9.90 4.97
C ALA A 451 17.32 -10.96 4.17
N GLU A 452 16.75 -11.93 4.88
CA GLU A 452 15.94 -12.96 4.23
C GLU A 452 14.66 -12.34 3.68
N GLY A 453 14.32 -12.69 2.45
CA GLY A 453 13.19 -12.08 1.77
C GLY A 453 13.39 -10.62 1.42
N ARG A 454 14.55 -10.04 1.72
CA ARG A 454 14.86 -8.64 1.44
C ARG A 454 16.18 -8.58 0.67
N PRO A 455 16.18 -9.04 -0.58
CA PRO A 455 17.44 -9.04 -1.35
C PRO A 455 17.96 -7.63 -1.57
N GLU A 456 19.28 -7.53 -1.72
CA GLU A 456 19.92 -6.22 -1.84
C GLU A 456 19.58 -5.52 -3.16
N TRP A 457 18.98 -6.23 -4.12
CA TRP A 457 18.57 -5.58 -5.36
C TRP A 457 17.22 -4.88 -5.23
N ALA A 458 16.44 -5.20 -4.20
CA ALA A 458 15.15 -4.57 -4.00
C ALA A 458 15.34 -3.16 -3.43
N ASP A 459 14.23 -2.45 -3.25
CA ASP A 459 14.26 -1.06 -2.83
C ASP A 459 14.31 -0.95 -1.30
N ALA A 460 14.89 0.14 -0.82
CA ALA A 460 14.93 0.44 0.61
C ALA A 460 13.52 0.70 1.11
N ALA A 461 12.98 -0.22 1.89
CA ALA A 461 11.59 -0.13 2.33
C ALA A 461 11.49 0.79 3.55
N HIS A 462 10.31 0.81 4.18
CA HIS A 462 10.05 1.70 5.30
C HIS A 462 10.75 1.20 6.56
N GLY A 463 11.52 2.07 7.19
CA GLY A 463 12.21 1.75 8.43
C GLY A 463 13.59 1.15 8.27
N ASP A 464 14.04 0.89 7.04
CA ASP A 464 15.35 0.31 6.82
C ASP A 464 16.49 1.30 7.01
N GLU A 465 16.19 2.58 7.27
CA GLU A 465 17.24 3.55 7.54
C GLU A 465 17.66 3.54 9.01
N LEU A 466 16.84 2.99 9.89
CA LEU A 466 17.16 2.99 11.31
C LEU A 466 18.42 2.20 11.66
N PRO A 467 18.68 1.00 11.11
CA PRO A 467 19.93 0.31 11.48
C PRO A 467 21.19 1.14 11.26
N TYR A 468 21.21 1.97 10.21
CA TYR A 468 22.36 2.83 9.98
C TYR A 468 22.35 4.05 10.90
N VAL A 469 21.16 4.52 11.29
CA VAL A 469 21.08 5.66 12.21
C VAL A 469 21.56 5.28 13.60
N PHE A 470 21.30 4.05 14.03
CA PHE A 470 21.68 3.58 15.36
C PHE A 470 22.91 2.69 15.35
N GLY A 471 23.77 2.82 14.34
CA GLY A 471 25.05 2.14 14.29
C GLY A 471 24.99 0.63 14.46
N VAL A 472 23.89 0.02 14.02
CA VAL A 472 23.74 -1.43 14.15
C VAL A 472 24.85 -2.19 13.44
N PRO A 473 25.30 -1.82 12.22
CA PRO A 473 26.37 -2.60 11.58
C PRO A 473 27.66 -2.67 12.39
N MET A 474 27.91 -1.71 13.27
CA MET A 474 29.17 -1.65 13.99
C MET A 474 29.21 -2.51 15.25
N VAL A 475 28.10 -3.15 15.62
CA VAL A 475 28.05 -3.99 16.80
C VAL A 475 27.50 -5.38 16.51
N GLY A 476 27.20 -5.70 15.26
CA GLY A 476 26.68 -7.01 14.91
C GLY A 476 25.17 -7.01 14.78
N ALA A 477 24.67 -7.97 14.02
CA ALA A 477 23.25 -8.07 13.74
C ALA A 477 22.51 -8.58 14.97
N THR A 478 21.65 -7.74 15.54
CA THR A 478 20.77 -8.20 16.60
C THR A 478 19.71 -9.14 16.02
N ASP A 479 18.97 -9.79 16.91
CA ASP A 479 17.91 -10.69 16.45
C ASP A 479 16.77 -9.93 15.80
N LEU A 480 16.61 -8.64 16.12
CA LEU A 480 15.56 -7.85 15.52
C LEU A 480 15.93 -7.36 14.12
N PHE A 481 17.23 -7.18 13.85
CA PHE A 481 17.73 -6.70 12.57
C PHE A 481 18.70 -7.74 12.01
N PRO A 482 18.20 -8.91 11.61
CA PRO A 482 19.11 -9.99 11.17
C PRO A 482 19.70 -9.73 9.78
N CYS A 483 20.48 -8.67 9.60
CA CYS A 483 21.03 -8.29 8.30
C CYS A 483 22.43 -8.90 8.05
N ASN A 484 22.73 -9.28 6.79
CA ASN A 484 24.07 -9.77 6.30
C ASN A 484 24.90 -8.49 6.06
N PHE A 485 25.28 -7.87 7.18
CA PHE A 485 26.05 -6.64 7.14
C PHE A 485 27.39 -6.85 6.45
N SER A 486 27.74 -5.93 5.56
CA SER A 486 29.04 -5.90 4.91
C SER A 486 29.77 -4.62 5.27
N LYS A 487 31.02 -4.52 4.82
CA LYS A 487 31.82 -3.33 5.13
C LYS A 487 31.14 -2.07 4.63
N ASN A 488 30.47 -2.15 3.48
CA ASN A 488 29.71 -1.02 2.97
C ASN A 488 28.64 -0.58 3.96
N ASP A 489 27.97 -1.54 4.59
CA ASP A 489 26.93 -1.20 5.57
C ASP A 489 27.52 -0.47 6.77
N VAL A 490 28.66 -0.93 7.26
CA VAL A 490 29.29 -0.28 8.41
C VAL A 490 29.71 1.14 8.06
N MET A 491 30.37 1.30 6.91
CA MET A 491 30.85 2.62 6.54
C MET A 491 29.71 3.59 6.28
N LEU A 492 28.67 3.14 5.56
CA LEU A 492 27.50 3.98 5.35
C LEU A 492 26.83 4.34 6.67
N SER A 493 26.77 3.40 7.60
CA SER A 493 26.23 3.69 8.92
C SER A 493 27.03 4.78 9.62
N ALA A 494 28.35 4.72 9.53
CA ALA A 494 29.17 5.78 10.09
C ALA A 494 28.91 7.12 9.40
N VAL A 495 28.65 7.10 8.09
CA VAL A 495 28.38 8.34 7.37
C VAL A 495 27.08 8.98 7.84
N VAL A 496 26.01 8.18 7.91
CA VAL A 496 24.71 8.76 8.29
C VAL A 496 24.71 9.16 9.75
N MET A 497 25.37 8.38 10.62
CA MET A 497 25.50 8.79 12.02
C MET A 497 26.26 10.11 12.11
N THR A 498 27.32 10.25 11.32
CA THR A 498 28.06 11.51 11.28
C THR A 498 27.16 12.66 10.88
N TYR A 499 26.37 12.47 9.82
CA TYR A 499 25.44 13.51 9.38
C TYR A 499 24.47 13.90 10.48
N TRP A 500 23.83 12.90 11.10
CA TRP A 500 22.80 13.17 12.10
C TRP A 500 23.37 13.89 13.31
N THR A 501 24.49 13.39 13.84
CA THR A 501 25.09 14.02 15.03
C THR A 501 25.59 15.42 14.71
N ASN A 502 26.22 15.60 13.55
CA ASN A 502 26.63 16.94 13.13
C ASN A 502 25.44 17.89 13.10
N PHE A 503 24.31 17.43 12.57
CA PHE A 503 23.10 18.25 12.58
C PHE A 503 22.66 18.58 13.99
N ALA A 504 22.70 17.59 14.89
CA ALA A 504 22.33 17.85 16.27
C ALA A 504 23.25 18.88 16.93
N LYS A 505 24.50 18.96 16.47
CA LYS A 505 25.45 19.89 17.06
C LYS A 505 25.26 21.30 16.50
N THR A 506 25.45 21.47 15.19
CA THR A 506 25.55 22.79 14.59
C THR A 506 24.38 23.17 13.70
N GLY A 507 23.43 22.26 13.47
CA GLY A 507 22.35 22.51 12.53
C GLY A 507 22.70 22.29 11.08
N ASP A 508 23.99 22.14 10.75
CA ASP A 508 24.41 21.74 9.42
C ASP A 508 24.90 20.31 9.48
N PRO A 509 24.33 19.38 8.70
CA PRO A 509 24.67 17.96 8.85
C PRO A 509 26.11 17.60 8.48
N ASN A 510 26.92 18.54 7.98
CA ASN A 510 28.24 18.19 7.44
C ASN A 510 29.32 19.16 7.87
N GLN A 511 29.13 19.83 9.01
CA GLN A 511 30.10 20.87 9.35
C GLN A 511 31.09 20.46 10.43
N PRO A 512 30.65 19.91 11.59
CA PRO A 512 31.63 19.55 12.62
C PRO A 512 32.67 18.54 12.16
N VAL A 513 32.22 17.32 11.81
CA VAL A 513 33.14 16.24 11.47
C VAL A 513 32.85 15.72 10.06
N PRO A 514 33.72 16.00 9.07
CA PRO A 514 33.56 15.37 7.76
C PRO A 514 34.05 13.91 7.75
N ASN A 525 34.61 4.64 1.07
CA ASN A 525 34.82 6.03 1.45
C ASN A 525 34.29 6.92 0.33
N ARG A 526 33.00 6.77 0.05
CA ARG A 526 32.42 7.29 -1.19
C ARG A 526 32.11 8.79 -1.12
N PHE A 527 31.78 9.30 0.06
CA PHE A 527 31.35 10.69 0.21
C PHE A 527 32.57 11.61 0.16
N GLU A 528 32.95 12.02 -1.05
CA GLU A 528 34.10 12.90 -1.26
C GLU A 528 33.61 14.31 -1.56
N GLU A 529 33.87 15.23 -0.64
CA GLU A 529 33.59 16.66 -0.81
C GLU A 529 32.13 16.94 -1.15
N VAL A 530 31.24 15.99 -0.89
CA VAL A 530 29.82 16.20 -1.16
C VAL A 530 29.28 17.18 -0.14
N VAL A 531 28.80 18.32 -0.64
CA VAL A 531 28.26 19.38 0.21
C VAL A 531 26.74 19.22 0.22
N TRP A 532 26.22 18.70 1.33
CA TRP A 532 24.77 18.58 1.49
C TRP A 532 24.16 19.97 1.50
N SER A 533 23.81 20.46 0.31
CA SER A 533 23.29 21.82 0.18
C SER A 533 21.95 21.96 0.89
N LYS A 534 21.57 23.21 1.13
CA LYS A 534 20.32 23.51 1.81
C LYS A 534 19.13 23.15 0.91
N PHE A 535 17.92 23.35 1.42
CA PHE A 535 16.70 23.09 0.67
C PHE A 535 15.84 24.33 0.71
N ASN A 536 15.47 24.83 -0.45
CA ASN A 536 14.51 25.93 -0.59
C ASN A 536 13.60 25.63 -1.77
N SER A 537 12.49 26.36 -1.85
CA SER A 537 11.50 26.11 -2.88
C SER A 537 12.04 26.38 -4.28
N LYS A 538 13.06 27.23 -4.41
CA LYS A 538 13.66 27.50 -5.71
C LYS A 538 14.43 26.29 -6.21
N GLU A 539 15.51 25.94 -5.52
CA GLU A 539 16.39 24.88 -5.99
C GLU A 539 15.87 23.49 -5.62
N LYS A 540 15.30 23.34 -4.42
CA LYS A 540 14.75 22.07 -3.94
C LYS A 540 15.81 20.97 -3.87
N GLN A 541 17.06 21.34 -3.59
CA GLN A 541 18.15 20.38 -3.63
C GLN A 541 18.06 19.40 -2.46
N TYR A 542 18.37 18.13 -2.76
CA TYR A 542 18.37 17.06 -1.78
C TYR A 542 19.65 16.23 -1.94
N LEU A 543 20.03 15.56 -0.86
CA LEU A 543 21.15 14.64 -0.85
C LEU A 543 20.65 13.22 -1.04
N HIS A 544 21.20 12.54 -2.03
CA HIS A 544 20.90 11.13 -2.29
C HIS A 544 21.86 10.28 -1.48
N ILE A 545 21.39 9.76 -0.36
CA ILE A 545 22.23 8.92 0.49
C ILE A 545 22.22 7.50 -0.05
N GLY A 546 23.40 6.89 -0.11
CA GLY A 546 23.53 5.55 -0.61
C GLY A 546 24.97 5.22 -0.91
N LEU A 547 25.16 4.12 -1.64
CA LEU A 547 26.52 3.72 -2.02
C LEU A 547 27.14 4.71 -2.99
N LYS A 548 26.34 5.24 -3.92
CA LYS A 548 26.79 6.24 -4.90
C LYS A 548 26.09 7.56 -4.60
N PRO A 549 26.66 8.43 -3.78
CA PRO A 549 25.95 9.65 -3.37
C PRO A 549 26.19 10.83 -4.31
N ARG A 550 25.16 11.68 -4.39
CA ARG A 550 25.23 12.93 -5.13
C ARG A 550 24.12 13.83 -4.60
N VAL A 551 24.15 15.10 -5.00
CA VAL A 551 23.13 16.08 -4.65
C VAL A 551 22.36 16.42 -5.90
N ARG A 552 21.04 16.20 -5.89
CA ARG A 552 20.20 16.45 -7.04
C ARG A 552 19.16 17.50 -6.70
N ASP A 553 18.56 18.10 -7.75
CA ASP A 553 17.81 19.33 -7.57
C ASP A 553 16.30 19.14 -7.40
N ASN A 554 15.69 18.15 -8.04
CA ASN A 554 14.24 17.99 -7.92
C ASN A 554 13.90 16.50 -7.91
N TYR A 555 13.48 16.00 -6.76
CA TYR A 555 13.15 14.59 -6.58
C TYR A 555 11.70 14.35 -6.97
N ARG A 556 11.49 13.50 -7.99
CA ARG A 556 10.16 13.09 -8.42
C ARG A 556 9.26 14.30 -8.68
N ALA A 557 9.84 15.34 -9.30
CA ALA A 557 9.15 16.62 -9.41
C ALA A 557 7.82 16.49 -10.15
N ASN A 558 7.75 15.61 -11.16
CA ASN A 558 6.50 15.46 -11.90
C ASN A 558 5.43 14.78 -11.04
N LYS A 559 5.79 13.75 -10.29
CA LYS A 559 4.81 13.06 -9.44
C LYS A 559 4.40 13.95 -8.27
N VAL A 560 5.36 14.62 -7.62
CA VAL A 560 5.05 15.50 -6.52
C VAL A 560 4.14 16.63 -6.99
N ALA A 561 4.46 17.24 -8.12
CA ALA A 561 3.58 18.28 -8.68
C ALA A 561 2.23 17.71 -9.08
N PHE A 562 2.18 16.43 -9.46
CA PHE A 562 0.92 15.79 -9.80
C PHE A 562 0.01 15.72 -8.58
N TRP A 563 0.50 15.12 -7.49
CA TRP A 563 -0.33 14.94 -6.30
C TRP A 563 -0.63 16.28 -5.63
N LEU A 564 0.34 17.21 -5.65
CA LEU A 564 0.17 18.47 -4.92
C LEU A 564 -0.68 19.47 -5.69
N GLU A 565 -0.39 19.66 -6.99
CA GLU A 565 -0.94 20.80 -7.72
C GLU A 565 -2.05 20.43 -8.70
N LEU A 566 -2.19 19.17 -9.09
CA LEU A 566 -3.21 18.77 -10.05
C LEU A 566 -4.32 17.94 -9.43
N VAL A 567 -3.97 16.90 -8.67
CA VAL A 567 -5.00 16.01 -8.10
C VAL A 567 -6.05 16.76 -7.30
N PRO A 568 -5.72 17.78 -6.49
CA PRO A 568 -6.78 18.50 -5.77
C PRO A 568 -7.87 19.08 -6.65
N HIS A 569 -7.52 19.69 -7.78
CA HIS A 569 -8.54 20.27 -8.65
C HIS A 569 -9.48 19.20 -9.20
N LEU A 570 -8.95 18.01 -9.48
CA LEU A 570 -9.81 16.87 -9.74
C LEU A 570 -10.59 16.57 -8.47
N HIS A 571 -11.88 16.92 -8.48
CA HIS A 571 -12.73 17.03 -7.28
C HIS A 571 -12.27 18.22 -6.43
N GLN B 11 -17.68 3.48 -69.73
CA GLN B 11 -18.91 2.78 -70.09
C GLN B 11 -19.25 1.66 -69.11
N ALA B 12 -18.52 1.59 -68.00
CA ALA B 12 -18.69 0.53 -67.01
C ALA B 12 -19.25 1.14 -65.72
N GLN B 13 -20.47 0.76 -65.37
CA GLN B 13 -21.11 1.18 -64.13
C GLN B 13 -21.56 -0.03 -63.33
N ILE B 14 -21.60 0.11 -62.01
CA ILE B 14 -22.02 -0.96 -61.13
C ILE B 14 -22.86 -0.41 -59.98
N VAL B 15 -23.97 -1.09 -59.69
CA VAL B 15 -24.74 -0.88 -58.48
C VAL B 15 -25.17 -2.25 -57.96
N HIS B 16 -25.04 -2.47 -56.66
CA HIS B 16 -25.35 -3.75 -56.05
C HIS B 16 -26.54 -3.62 -55.10
N ALA B 17 -27.48 -4.54 -55.22
CA ALA B 17 -28.61 -4.64 -54.30
C ALA B 17 -28.26 -5.57 -53.15
N GLY B 18 -28.71 -5.21 -51.95
CA GLY B 18 -28.54 -6.04 -50.78
C GLY B 18 -29.87 -6.56 -50.29
N GLN B 19 -30.57 -7.30 -51.15
CA GLN B 19 -31.91 -7.83 -50.86
C GLN B 19 -31.86 -9.28 -50.41
N ALA B 20 -30.90 -9.64 -49.56
CA ALA B 20 -30.76 -11.02 -49.11
C ALA B 20 -31.49 -11.22 -47.78
N CYS B 21 -31.26 -12.38 -47.17
CA CYS B 21 -31.78 -12.67 -45.83
C CYS B 21 -30.91 -11.97 -44.80
N VAL B 22 -31.08 -10.65 -44.74
CA VAL B 22 -30.30 -9.79 -43.86
C VAL B 22 -31.25 -9.05 -42.93
N VAL B 23 -30.75 -8.69 -41.74
CA VAL B 23 -31.59 -8.10 -40.73
C VAL B 23 -31.94 -6.66 -41.09
N LYS B 24 -33.13 -6.24 -40.69
CA LYS B 24 -33.63 -4.90 -40.96
C LYS B 24 -33.28 -3.94 -39.82
N GLU B 25 -33.22 -2.66 -40.15
CA GLU B 25 -32.93 -1.60 -39.19
C GLU B 25 -33.80 -0.39 -39.49
N ASP B 26 -34.33 0.23 -38.44
CA ASP B 26 -35.22 1.37 -38.60
C ASP B 26 -34.46 2.66 -38.86
N GLU B 30 -27.16 2.80 -44.79
CA GLU B 30 -26.58 3.45 -45.96
C GLU B 30 -25.74 2.47 -46.76
N ARG B 31 -24.43 2.46 -46.46
CA ARG B 31 -23.47 1.61 -47.15
C ARG B 31 -23.13 0.35 -46.37
N VAL B 32 -23.78 0.12 -45.23
CA VAL B 32 -23.44 -0.98 -44.34
C VAL B 32 -24.46 -2.09 -44.49
N TYR B 33 -23.97 -3.34 -44.54
CA TYR B 33 -24.79 -4.54 -44.64
C TYR B 33 -24.72 -5.25 -43.29
N THR B 34 -25.78 -5.08 -42.49
CA THR B 34 -25.78 -5.52 -41.10
C THR B 34 -26.59 -6.80 -40.96
N ILE B 35 -25.89 -7.92 -40.75
CA ILE B 35 -26.51 -9.24 -40.69
C ILE B 35 -26.20 -9.88 -39.35
N ARG B 36 -27.14 -10.72 -38.88
CA ARG B 36 -26.90 -11.54 -37.71
C ARG B 36 -25.91 -12.64 -38.04
N GLU B 37 -25.09 -13.02 -37.06
CA GLU B 37 -24.07 -14.02 -37.30
C GLU B 37 -24.71 -15.36 -37.62
N GLY B 38 -24.08 -16.09 -38.55
CA GLY B 38 -24.58 -17.37 -39.00
C GLY B 38 -25.68 -17.29 -40.04
N ASP B 39 -26.36 -16.16 -40.17
CA ASP B 39 -27.38 -16.01 -41.18
C ASP B 39 -26.77 -16.03 -42.58
N THR B 40 -27.63 -16.12 -43.58
CA THR B 40 -27.20 -16.23 -44.97
C THR B 40 -27.01 -14.85 -45.56
N LEU B 41 -25.79 -14.56 -46.03
CA LEU B 41 -25.48 -13.32 -46.71
C LEU B 41 -25.48 -13.52 -48.22
N MET B 42 -26.02 -12.53 -48.94
CA MET B 42 -26.00 -12.54 -50.39
C MET B 42 -26.05 -11.10 -50.88
N LEU B 43 -25.12 -10.73 -51.74
CA LEU B 43 -25.02 -9.38 -52.28
C LEU B 43 -24.97 -9.46 -53.79
N GLN B 44 -25.80 -8.66 -54.45
CA GLN B 44 -26.05 -8.81 -55.88
C GLN B 44 -25.43 -7.63 -56.63
N CYS B 45 -24.31 -7.86 -57.30
CA CYS B 45 -23.64 -6.81 -58.05
C CYS B 45 -24.20 -6.73 -59.47
N LEU B 46 -24.51 -5.51 -59.91
CA LEU B 46 -25.10 -5.26 -61.21
C LEU B 46 -24.16 -4.42 -62.06
N VAL B 47 -23.89 -4.88 -63.28
CA VAL B 47 -22.95 -4.24 -64.18
C VAL B 47 -23.71 -3.58 -65.32
N THR B 48 -23.01 -2.69 -66.02
CA THR B 48 -23.58 -1.93 -67.13
C THR B 48 -22.44 -1.52 -68.05
N GLY B 49 -22.46 -2.00 -69.29
CA GLY B 49 -21.39 -1.73 -70.23
C GLY B 49 -21.81 -1.98 -71.65
N HIS B 50 -21.24 -1.19 -72.56
CA HIS B 50 -21.42 -1.41 -74.00
C HIS B 50 -20.69 -2.70 -74.38
N PRO B 51 -19.48 -2.95 -73.89
CA PRO B 51 -18.98 -4.33 -73.84
C PRO B 51 -19.28 -4.95 -72.49
N ARG B 52 -19.55 -6.25 -72.51
CA ARG B 52 -19.87 -6.98 -71.29
C ARG B 52 -18.69 -6.93 -70.32
N PRO B 53 -18.82 -6.25 -69.19
CA PRO B 53 -17.69 -6.08 -68.28
C PRO B 53 -17.55 -7.25 -67.33
N GLN B 54 -16.33 -7.39 -66.78
CA GLN B 54 -16.05 -8.42 -65.81
C GLN B 54 -16.47 -7.99 -64.41
N VAL B 55 -17.03 -8.93 -63.64
CA VAL B 55 -17.51 -8.69 -62.29
C VAL B 55 -16.48 -9.23 -61.30
N ARG B 56 -16.33 -8.54 -60.17
CA ARG B 56 -15.41 -8.99 -59.14
C ARG B 56 -15.96 -8.65 -57.76
N TRP B 57 -15.98 -9.65 -56.87
CA TRP B 57 -16.36 -9.48 -55.47
C TRP B 57 -15.11 -9.75 -54.63
N THR B 58 -14.38 -8.69 -54.29
CA THR B 58 -13.12 -8.80 -53.58
C THR B 58 -13.28 -8.37 -52.12
N LYS B 59 -12.75 -9.19 -51.20
CA LYS B 59 -12.63 -8.81 -49.81
C LYS B 59 -11.30 -8.10 -49.61
N THR B 60 -11.34 -6.98 -48.87
CA THR B 60 -10.14 -6.19 -48.65
C THR B 60 -9.14 -6.95 -47.78
N ALA B 61 -8.28 -7.75 -48.42
CA ALA B 61 -7.23 -8.48 -47.75
C ALA B 61 -5.88 -8.03 -48.30
N GLY B 62 -4.91 -7.83 -47.40
CA GLY B 62 -3.63 -7.27 -47.76
C GLY B 62 -2.85 -8.01 -48.82
N SER B 63 -2.46 -7.30 -49.87
CA SER B 63 -1.68 -7.88 -50.96
C SER B 63 -1.07 -6.75 -51.77
N ALA B 64 0.22 -6.88 -52.11
CA ALA B 64 0.91 -5.88 -52.90
C ALA B 64 0.53 -5.98 -54.37
N GLU B 70 -6.86 -14.44 -55.66
CA GLU B 70 -7.87 -15.30 -56.24
C GLU B 70 -8.91 -15.69 -55.18
N THR B 71 -8.88 -14.97 -54.05
CA THR B 71 -9.82 -15.19 -52.97
C THR B 71 -11.13 -14.47 -53.20
N SER B 72 -11.47 -14.25 -54.47
CA SER B 72 -12.61 -13.43 -54.86
C SER B 72 -13.61 -14.25 -55.66
N VAL B 73 -14.90 -13.99 -55.44
CA VAL B 73 -15.96 -14.60 -56.22
C VAL B 73 -16.17 -13.77 -57.48
N PHE B 74 -16.17 -14.43 -58.64
CA PHE B 74 -16.29 -13.77 -59.92
C PHE B 74 -17.72 -13.78 -60.47
N ASN B 75 -18.68 -14.28 -59.69
CA ASN B 75 -20.07 -14.25 -60.09
C ASN B 75 -20.74 -12.97 -59.60
N GLU B 76 -21.87 -12.63 -60.21
CA GLU B 76 -22.59 -11.41 -59.86
C GLU B 76 -23.10 -11.41 -58.42
N THR B 77 -23.18 -12.58 -57.79
CA THR B 77 -23.73 -12.70 -56.44
C THR B 77 -22.66 -13.26 -55.51
N LEU B 78 -22.40 -12.53 -54.42
CA LEU B 78 -21.53 -13.00 -53.35
C LEU B 78 -22.42 -13.59 -52.27
N ARG B 79 -22.32 -14.91 -52.06
CA ARG B 79 -23.19 -15.60 -51.12
C ARG B 79 -22.35 -16.40 -50.15
N ILE B 80 -22.62 -16.22 -48.86
CA ILE B 80 -21.99 -17.00 -47.79
C ILE B 80 -23.08 -17.45 -46.84
N GLU B 81 -23.23 -18.78 -46.68
CA GLU B 81 -24.33 -19.31 -45.91
C GLU B 81 -24.18 -19.00 -44.42
N ARG B 82 -22.99 -19.25 -43.87
CA ARG B 82 -22.74 -19.08 -42.44
C ARG B 82 -21.53 -18.16 -42.27
N ILE B 83 -21.77 -16.91 -41.93
CA ILE B 83 -20.71 -15.93 -41.73
C ILE B 83 -20.42 -15.82 -40.24
N ALA B 84 -19.14 -15.94 -39.89
CA ALA B 84 -18.67 -15.74 -38.53
C ALA B 84 -18.12 -14.33 -38.39
N ARG B 85 -17.52 -14.05 -37.23
CA ARG B 85 -16.85 -12.77 -37.04
C ARG B 85 -15.70 -12.61 -38.02
N THR B 86 -15.01 -13.71 -38.32
CA THR B 86 -13.83 -13.66 -39.17
C THR B 86 -14.15 -13.17 -40.57
N GLN B 87 -15.39 -13.40 -41.04
CA GLN B 87 -15.81 -13.01 -42.38
C GLN B 87 -16.58 -11.70 -42.39
N GLY B 88 -16.32 -10.82 -41.42
CA GLY B 88 -17.06 -9.58 -41.32
C GLY B 88 -16.25 -8.34 -41.65
N GLY B 89 -15.41 -8.42 -42.67
CA GLY B 89 -14.59 -7.29 -43.09
C GLY B 89 -15.31 -6.39 -44.05
N ARG B 90 -14.54 -5.75 -44.93
CA ARG B 90 -15.06 -4.87 -45.97
C ARG B 90 -14.89 -5.55 -47.33
N TYR B 91 -15.96 -5.54 -48.11
CA TYR B 91 -15.96 -6.09 -49.47
C TYR B 91 -16.15 -4.96 -50.47
N TYR B 92 -15.90 -5.27 -51.74
CA TYR B 92 -16.20 -4.33 -52.82
C TYR B 92 -16.24 -5.07 -54.15
N CYS B 93 -17.18 -4.67 -54.99
CA CYS B 93 -17.37 -5.21 -56.32
C CYS B 93 -16.80 -4.24 -57.36
N LYS B 94 -16.35 -4.79 -58.48
CA LYS B 94 -15.59 -4.05 -59.46
C LYS B 94 -15.90 -4.55 -60.86
N ALA B 95 -16.13 -3.61 -61.78
CA ALA B 95 -16.32 -3.91 -63.20
C ALA B 95 -15.03 -3.60 -63.93
N GLU B 96 -14.41 -4.63 -64.50
CA GLU B 96 -13.27 -4.46 -65.37
C GLU B 96 -13.80 -4.45 -66.81
N ASN B 97 -13.86 -3.26 -67.38
CA ASN B 97 -14.21 -3.04 -68.78
C ASN B 97 -13.16 -2.10 -69.36
N GLY B 98 -12.66 -2.44 -70.55
CA GLY B 98 -11.61 -1.65 -71.15
C GLY B 98 -11.97 -0.19 -71.37
N VAL B 99 -13.26 0.13 -71.42
CA VAL B 99 -13.71 1.48 -71.72
C VAL B 99 -13.66 2.30 -70.44
N GLY B 100 -12.65 3.16 -70.33
CA GLY B 100 -12.56 4.07 -69.20
C GLY B 100 -12.04 3.41 -67.93
N VAL B 101 -12.39 4.03 -66.81
CA VAL B 101 -11.94 3.59 -65.49
C VAL B 101 -12.82 2.44 -65.02
N PRO B 102 -12.24 1.36 -64.47
CA PRO B 102 -13.06 0.29 -63.92
C PRO B 102 -13.92 0.76 -62.76
N ALA B 103 -15.11 0.17 -62.64
CA ALA B 103 -16.06 0.59 -61.63
C ALA B 103 -15.81 -0.11 -60.31
N ILE B 104 -16.01 0.62 -59.20
CA ILE B 104 -15.74 0.09 -57.87
C ILE B 104 -16.81 0.59 -56.92
N LYS B 105 -17.43 -0.33 -56.16
CA LYS B 105 -18.37 0.03 -55.11
C LYS B 105 -18.10 -0.86 -53.90
N SER B 106 -18.09 -0.25 -52.71
CA SER B 106 -17.69 -0.97 -51.50
C SER B 106 -18.84 -1.07 -50.51
N ILE B 107 -18.78 -2.11 -49.68
CA ILE B 107 -19.74 -2.36 -48.61
C ILE B 107 -18.98 -2.81 -47.37
N ARG B 108 -19.38 -2.30 -46.21
CA ARG B 108 -18.90 -2.82 -44.93
C ARG B 108 -19.90 -3.86 -44.44
N VAL B 109 -19.46 -5.12 -44.37
CA VAL B 109 -20.29 -6.21 -43.86
C VAL B 109 -20.08 -6.26 -42.36
N ASP B 110 -21.08 -5.79 -41.61
CA ASP B 110 -21.02 -5.73 -40.15
C ASP B 110 -21.74 -6.95 -39.59
N VAL B 111 -20.98 -7.95 -39.17
CA VAL B 111 -21.53 -9.20 -38.65
C VAL B 111 -21.61 -9.09 -37.13
N GLN B 112 -22.82 -9.06 -36.61
CA GLN B 112 -23.05 -8.79 -35.20
C GLN B 112 -23.42 -10.06 -34.44
N TYR B 113 -23.18 -10.02 -33.14
CA TYR B 113 -23.41 -11.17 -32.27
C TYR B 113 -23.42 -10.67 -30.82
N LEU B 114 -23.68 -11.60 -29.91
CA LEU B 114 -23.61 -11.29 -28.47
C LEU B 114 -23.35 -12.61 -27.74
N ASP B 115 -22.12 -12.79 -27.27
CA ASP B 115 -21.75 -14.02 -26.59
C ASP B 115 -22.34 -14.04 -25.18
N GLU B 116 -21.84 -14.95 -24.35
CA GLU B 116 -22.45 -15.03 -23.03
C GLU B 116 -21.57 -14.34 -21.98
N PRO B 117 -22.19 -13.64 -21.05
CA PRO B 117 -21.42 -12.88 -20.06
C PRO B 117 -20.69 -13.79 -19.08
N MET B 118 -19.63 -13.23 -18.50
CA MET B 118 -18.80 -13.92 -17.53
C MET B 118 -18.67 -13.03 -16.31
N LEU B 119 -19.17 -13.51 -15.17
CA LEU B 119 -19.13 -12.77 -13.92
C LEU B 119 -18.08 -13.38 -13.00
N THR B 120 -17.23 -12.54 -12.44
CA THR B 120 -16.19 -12.98 -11.54
C THR B 120 -16.10 -12.03 -10.36
N VAL B 121 -16.10 -12.58 -9.15
CA VAL B 121 -15.96 -11.81 -7.93
C VAL B 121 -14.49 -11.64 -7.61
N HIS B 122 -14.14 -10.51 -7.00
CA HIS B 122 -12.76 -10.20 -6.63
C HIS B 122 -12.78 -9.43 -5.33
N GLN B 123 -12.34 -10.06 -4.24
CA GLN B 123 -12.32 -9.42 -2.93
C GLN B 123 -11.01 -8.70 -2.64
N THR B 124 -10.01 -8.84 -3.52
CA THR B 124 -8.75 -8.10 -3.42
C THR B 124 -8.07 -8.26 -2.06
N VAL B 128 -6.90 -10.50 0.27
CA VAL B 128 -7.13 -9.84 1.55
C VAL B 128 -6.24 -10.44 2.63
N ARG B 129 -5.54 -9.58 3.37
CA ARG B 129 -4.64 -10.01 4.44
C ARG B 129 -4.93 -9.20 5.70
N GLY B 130 -5.09 -9.89 6.83
CA GLY B 130 -5.06 -9.23 8.11
C GLY B 130 -6.39 -8.94 8.77
N ASN B 131 -7.27 -8.25 8.05
CA ASN B 131 -8.51 -7.69 8.62
C ASN B 131 -8.17 -6.67 9.70
N PHE B 132 -7.27 -5.74 9.36
CA PHE B 132 -6.96 -4.61 10.25
C PHE B 132 -7.88 -3.42 10.00
N TYR B 133 -8.36 -3.26 8.78
CA TYR B 133 -9.31 -2.21 8.44
C TYR B 133 -10.71 -2.79 8.30
N GLN B 134 -11.72 -1.93 8.51
CA GLN B 134 -13.11 -2.33 8.57
C GLN B 134 -13.83 -2.22 7.22
N GLU B 135 -13.12 -2.45 6.12
CA GLU B 135 -13.65 -2.03 4.83
C GLU B 135 -14.60 -3.06 4.23
N LYS B 136 -14.12 -4.28 4.00
CA LYS B 136 -14.91 -5.35 3.39
C LYS B 136 -15.47 -4.89 2.03
N THR B 137 -14.55 -4.74 1.09
CA THR B 137 -14.87 -4.29 -0.26
C THR B 137 -14.84 -5.48 -1.22
N VAL B 138 -15.84 -5.56 -2.10
CA VAL B 138 -15.99 -6.67 -3.03
C VAL B 138 -16.27 -6.10 -4.42
N PHE B 139 -15.57 -6.62 -5.43
CA PHE B 139 -15.77 -6.22 -6.80
C PHE B 139 -16.45 -7.34 -7.58
N LEU B 140 -17.31 -6.96 -8.52
CA LEU B 140 -17.99 -7.90 -9.41
C LEU B 140 -17.73 -7.47 -10.85
N ARG B 141 -16.86 -8.19 -11.54
CA ARG B 141 -16.47 -7.85 -12.90
C ARG B 141 -17.24 -8.73 -13.89
N CYS B 142 -17.93 -8.07 -14.81
CA CYS B 142 -18.66 -8.74 -15.89
C CYS B 142 -17.91 -8.50 -17.20
N THR B 143 -17.84 -9.53 -18.03
CA THR B 143 -17.08 -9.48 -19.27
C THR B 143 -17.87 -10.14 -20.39
N VAL B 144 -17.88 -9.52 -21.57
CA VAL B 144 -18.57 -10.05 -22.73
C VAL B 144 -17.72 -9.86 -23.97
N ASN B 145 -18.12 -10.55 -25.04
CA ASN B 145 -17.53 -10.41 -26.36
C ASN B 145 -18.68 -10.24 -27.35
N SER B 146 -18.78 -9.05 -27.96
CA SER B 146 -19.89 -8.75 -28.84
C SER B 146 -19.44 -7.75 -29.90
N ASN B 147 -19.91 -7.96 -31.13
CA ASN B 147 -19.57 -7.03 -32.21
C ASN B 147 -20.11 -5.63 -31.93
N PRO B 148 -21.41 -5.45 -31.66
CA PRO B 148 -21.83 -4.18 -31.07
C PRO B 148 -21.34 -4.07 -29.64
N PRO B 149 -20.62 -3.01 -29.29
CA PRO B 149 -20.26 -2.80 -27.88
C PRO B 149 -21.46 -2.93 -26.97
N ALA B 150 -21.39 -3.88 -26.04
CA ALA B 150 -22.55 -4.26 -25.25
C ALA B 150 -22.89 -3.22 -24.20
N ARG B 151 -24.17 -3.17 -23.83
CA ARG B 151 -24.65 -2.37 -22.73
C ARG B 151 -24.83 -3.26 -21.51
N PHE B 152 -24.35 -2.81 -20.36
CA PHE B 152 -24.35 -3.58 -19.12
C PHE B 152 -25.40 -3.04 -18.17
N ILE B 153 -26.22 -3.93 -17.61
CA ILE B 153 -27.20 -3.58 -16.59
C ILE B 153 -26.97 -4.49 -15.40
N TRP B 154 -26.63 -3.90 -14.26
CA TRP B 154 -26.42 -4.65 -13.02
C TRP B 154 -27.72 -4.70 -12.21
N LYS B 155 -28.00 -5.87 -11.65
CA LYS B 155 -29.20 -6.05 -10.84
C LYS B 155 -28.83 -6.78 -9.54
N ARG B 156 -29.57 -6.46 -8.49
CA ARG B 156 -29.52 -7.18 -7.22
C ARG B 156 -30.86 -7.86 -7.05
N GLY B 157 -30.93 -9.15 -7.39
CA GLY B 157 -32.21 -9.83 -7.46
C GLY B 157 -33.00 -9.34 -8.66
N SER B 158 -34.05 -8.56 -8.41
CA SER B 158 -34.85 -7.95 -9.46
C SER B 158 -34.81 -6.43 -9.36
N ASP B 159 -33.65 -5.89 -8.98
CA ASP B 159 -33.48 -4.45 -8.76
C ASP B 159 -32.28 -3.98 -9.57
N THR B 160 -32.55 -3.38 -10.74
CA THR B 160 -31.51 -2.70 -11.49
C THR B 160 -30.92 -1.59 -10.64
N LEU B 161 -29.69 -1.75 -10.16
CA LEU B 161 -29.12 -0.85 -9.17
C LEU B 161 -28.06 0.06 -9.80
N SER B 162 -27.92 1.25 -9.21
CA SER B 162 -26.90 2.23 -9.58
C SER B 162 -26.45 2.93 -8.30
N HIS B 163 -25.58 3.94 -8.46
CA HIS B 163 -25.13 4.67 -7.28
C HIS B 163 -26.18 5.65 -6.79
N SER B 164 -26.94 6.27 -7.71
CA SER B 164 -27.99 7.19 -7.30
C SER B 164 -29.14 6.48 -6.60
N GLN B 165 -29.29 5.18 -6.81
CA GLN B 165 -30.33 4.39 -6.15
C GLN B 165 -29.86 3.86 -4.80
N ASP B 166 -28.75 3.13 -4.80
CA ASP B 166 -28.14 2.60 -3.58
C ASP B 166 -26.69 3.03 -3.58
N ASN B 167 -26.38 4.10 -2.84
CA ASN B 167 -25.05 4.70 -2.88
C ASN B 167 -23.98 3.84 -2.23
N GLY B 168 -24.33 2.67 -1.70
CA GLY B 168 -23.33 1.74 -1.21
C GLY B 168 -22.59 0.98 -2.28
N VAL B 169 -22.87 1.27 -3.55
CA VAL B 169 -22.22 0.60 -4.67
C VAL B 169 -21.73 1.66 -5.66
N ASP B 170 -20.71 1.28 -6.43
CA ASP B 170 -20.25 2.03 -7.58
C ASP B 170 -20.38 1.14 -8.82
N ILE B 171 -20.34 1.78 -9.98
CA ILE B 171 -20.38 1.08 -11.27
C ILE B 171 -19.49 1.84 -12.24
N TYR B 172 -18.49 1.17 -12.80
CA TYR B 172 -17.61 1.86 -13.73
C TYR B 172 -17.06 0.89 -14.76
N GLU B 173 -16.65 1.43 -15.90
CA GLU B 173 -16.07 0.65 -16.98
C GLU B 173 -14.59 0.94 -17.06
N PRO B 174 -13.71 0.00 -16.71
CA PRO B 174 -12.27 0.30 -16.67
C PRO B 174 -11.70 0.52 -18.06
N LEU B 175 -10.82 1.51 -18.17
CA LEU B 175 -10.11 1.75 -19.41
C LEU B 175 -9.06 0.66 -19.63
N TYR B 176 -8.41 0.74 -20.79
CA TYR B 176 -7.37 -0.20 -21.22
C TYR B 176 -7.87 -1.65 -21.25
N THR B 177 -9.18 -1.86 -21.19
CA THR B 177 -9.79 -3.17 -21.39
C THR B 177 -10.69 -3.18 -22.63
N GLN B 178 -10.62 -2.12 -23.45
CA GLN B 178 -11.39 -1.97 -24.69
C GLN B 178 -12.90 -2.00 -24.44
N GLY B 179 -13.33 -1.72 -23.21
CA GLY B 179 -14.76 -1.57 -22.94
C GLY B 179 -15.57 -2.83 -23.04
N GLU B 180 -14.95 -4.01 -22.98
CA GLU B 180 -15.68 -5.27 -23.01
C GLU B 180 -16.06 -5.75 -21.62
N THR B 181 -15.71 -5.00 -20.57
CA THR B 181 -15.97 -5.38 -19.20
C THR B 181 -16.58 -4.20 -18.44
N LYS B 182 -17.27 -4.50 -17.35
CA LYS B 182 -17.76 -3.48 -16.44
C LYS B 182 -17.74 -4.01 -15.02
N VAL B 183 -17.40 -3.13 -14.07
CA VAL B 183 -17.18 -3.50 -12.68
C VAL B 183 -18.25 -2.86 -11.81
N LEU B 184 -18.83 -3.68 -10.93
CA LEU B 184 -19.76 -3.23 -9.89
C LEU B 184 -19.05 -3.35 -8.55
N LYS B 185 -18.79 -2.22 -7.91
CA LYS B 185 -18.07 -2.16 -6.65
C LYS B 185 -19.05 -2.11 -5.49
N LEU B 186 -18.79 -2.93 -4.47
CA LEU B 186 -19.49 -2.93 -3.19
C LEU B 186 -18.46 -2.48 -2.17
N LYS B 187 -18.52 -1.20 -1.80
CA LYS B 187 -17.42 -0.60 -1.05
C LYS B 187 -17.31 -1.18 0.36
N ASN B 188 -18.43 -1.24 1.08
CA ASN B 188 -18.45 -1.83 2.42
C ASN B 188 -19.68 -2.74 2.52
N LEU B 189 -19.44 -4.02 2.75
CA LEU B 189 -20.51 -5.02 2.74
C LEU B 189 -21.49 -4.76 3.86
N ARG B 190 -22.68 -4.32 3.50
CA ARG B 190 -23.81 -4.26 4.40
C ARG B 190 -24.55 -5.59 4.39
N PRO B 191 -25.38 -5.87 5.41
CA PRO B 191 -26.17 -7.12 5.38
C PRO B 191 -27.00 -7.29 4.13
N GLN B 192 -27.48 -6.18 3.53
CA GLN B 192 -28.25 -6.25 2.31
C GLN B 192 -27.40 -6.49 1.07
N ASP B 193 -26.08 -6.39 1.19
CA ASP B 193 -25.21 -6.65 0.04
C ASP B 193 -25.11 -8.14 -0.25
N TYR B 194 -25.16 -8.98 0.79
CA TYR B 194 -25.12 -10.42 0.58
C TYR B 194 -26.42 -10.87 -0.09
N ALA B 195 -26.46 -10.80 -1.41
CA ALA B 195 -27.65 -11.13 -2.17
C ALA B 195 -27.22 -11.73 -3.51
N SER B 196 -28.16 -11.79 -4.46
CA SER B 196 -27.90 -12.36 -5.78
C SER B 196 -27.77 -11.22 -6.79
N TYR B 197 -26.61 -11.14 -7.43
CA TYR B 197 -26.34 -10.10 -8.42
C TYR B 197 -26.32 -10.71 -9.81
N THR B 198 -26.94 -10.00 -10.76
CA THR B 198 -27.07 -10.45 -12.13
C THR B 198 -26.52 -9.38 -13.07
N CYS B 199 -25.57 -9.76 -13.91
CA CYS B 199 -25.11 -8.94 -15.02
C CYS B 199 -25.94 -9.28 -16.25
N GLN B 200 -26.66 -8.29 -16.77
CA GLN B 200 -27.52 -8.46 -17.94
C GLN B 200 -26.95 -7.60 -19.06
N VAL B 201 -26.47 -8.25 -20.11
CA VAL B 201 -25.83 -7.58 -21.22
C VAL B 201 -26.78 -7.56 -22.41
N SER B 202 -26.75 -6.44 -23.15
CA SER B 202 -27.69 -6.23 -24.24
C SER B 202 -26.97 -5.61 -25.42
N VAL B 203 -27.28 -6.10 -26.62
CA VAL B 203 -26.89 -5.43 -27.85
C VAL B 203 -28.00 -4.52 -28.37
N ARG B 204 -29.06 -4.32 -27.58
CA ARG B 204 -30.24 -3.51 -27.97
C ARG B 204 -30.98 -4.11 -29.16
N ASN B 205 -30.90 -5.44 -29.29
CA ASN B 205 -31.67 -6.19 -30.29
C ASN B 205 -31.44 -5.66 -31.71
N VAL B 206 -30.17 -5.41 -32.06
CA VAL B 206 -29.87 -4.85 -33.37
C VAL B 206 -30.25 -5.84 -34.47
N CYS B 207 -29.87 -7.10 -34.31
CA CYS B 207 -30.24 -8.16 -35.23
C CYS B 207 -31.32 -9.08 -34.62
N GLY B 208 -32.15 -8.53 -33.74
CA GLY B 208 -33.05 -9.34 -32.96
C GLY B 208 -32.38 -10.11 -31.85
N ILE B 209 -31.06 -10.00 -31.71
CA ILE B 209 -30.30 -10.70 -30.68
C ILE B 209 -30.82 -10.29 -29.31
N PRO B 210 -31.28 -11.23 -28.50
CA PRO B 210 -31.82 -10.88 -27.18
C PRO B 210 -30.73 -10.75 -26.12
N ASP B 211 -31.08 -10.01 -25.08
CA ASP B 211 -30.14 -9.80 -23.98
C ASP B 211 -29.86 -11.12 -23.27
N LYS B 212 -28.67 -11.21 -22.68
CA LYS B 212 -28.28 -12.36 -21.90
C LYS B 212 -27.98 -11.93 -20.47
N ALA B 213 -27.76 -12.90 -19.59
CA ALA B 213 -27.57 -12.60 -18.18
C ALA B 213 -26.74 -13.69 -17.53
N ILE B 214 -26.11 -13.32 -16.42
CA ILE B 214 -25.37 -14.26 -15.59
C ILE B 214 -25.53 -13.81 -14.14
N THR B 215 -25.45 -14.77 -13.21
CA THR B 215 -25.79 -14.48 -11.82
C THR B 215 -24.75 -15.07 -10.88
N PHE B 216 -24.55 -14.39 -9.76
CA PHE B 216 -23.68 -14.86 -8.69
C PHE B 216 -24.35 -14.59 -7.35
N ARG B 217 -24.24 -15.55 -6.44
CA ARG B 217 -24.77 -15.44 -5.08
C ARG B 217 -23.63 -15.11 -4.14
N LEU B 218 -23.62 -13.90 -3.60
CA LEU B 218 -22.64 -13.48 -2.61
C LEU B 218 -23.22 -13.73 -1.22
N THR B 219 -22.49 -14.50 -0.40
CA THR B 219 -22.95 -14.85 0.92
C THR B 219 -21.81 -14.69 1.91
N ASN B 220 -22.07 -15.01 3.17
CA ASN B 220 -21.06 -14.80 4.20
C ASN B 220 -19.86 -15.70 4.03
N THR B 221 -20.02 -16.83 3.34
CA THR B 221 -18.97 -17.83 3.22
C THR B 221 -18.28 -17.82 1.87
N THR B 222 -18.70 -16.96 0.94
CA THR B 222 -18.07 -16.90 -0.38
C THR B 222 -16.57 -16.65 -0.24
N ALA B 223 -15.77 -17.53 -0.84
CA ALA B 223 -14.32 -17.48 -0.69
C ALA B 223 -13.67 -18.15 -1.88
N PRO B 224 -12.45 -17.76 -2.24
CA PRO B 224 -11.74 -18.43 -3.33
C PRO B 224 -11.34 -19.84 -2.95
N PRO B 225 -10.87 -20.66 -3.90
CA PRO B 225 -10.56 -22.05 -3.59
C PRO B 225 -9.16 -22.25 -3.04
N ALA B 226 -9.03 -23.32 -2.25
CA ALA B 226 -7.74 -23.76 -1.72
C ALA B 226 -7.60 -25.25 -1.97
N LEU B 227 -6.39 -25.69 -2.31
CA LEU B 227 -6.14 -27.05 -2.76
C LEU B 227 -5.19 -27.78 -1.83
N LYS B 228 -5.48 -29.07 -1.60
CA LYS B 228 -4.64 -29.97 -0.83
C LYS B 228 -4.11 -31.05 -1.74
N LEU B 229 -2.82 -31.35 -1.66
CA LEU B 229 -2.16 -32.33 -2.50
C LEU B 229 -1.86 -33.58 -1.68
N SER B 230 -2.24 -34.74 -2.21
CA SER B 230 -2.02 -36.00 -1.52
C SER B 230 -0.59 -36.50 -1.60
N VAL B 231 0.31 -35.73 -2.22
CA VAL B 231 1.73 -36.06 -2.30
C VAL B 231 2.53 -34.83 -1.95
N ASN B 232 3.83 -35.02 -1.76
CA ASN B 232 4.73 -33.88 -1.57
C ASN B 232 4.85 -33.09 -2.87
N GLU B 233 5.67 -32.05 -2.84
CA GLU B 233 5.86 -31.22 -4.03
C GLU B 233 6.54 -32.02 -5.14
N THR B 234 7.74 -32.54 -4.87
CA THR B 234 8.50 -33.33 -5.84
C THR B 234 8.28 -34.81 -5.54
N LEU B 235 7.62 -35.50 -6.46
CA LEU B 235 7.30 -36.91 -6.31
C LEU B 235 8.29 -37.73 -7.15
N VAL B 236 9.07 -38.58 -6.48
CA VAL B 236 10.06 -39.42 -7.13
C VAL B 236 9.46 -40.79 -7.36
N VAL B 237 9.59 -41.30 -8.59
CA VAL B 237 8.96 -42.55 -9.01
C VAL B 237 9.95 -43.33 -9.87
N ASN B 238 9.96 -44.69 -9.71
CA ASN B 238 10.77 -45.56 -10.56
C ASN B 238 10.02 -45.93 -11.83
N PRO B 239 10.73 -46.25 -12.91
CA PRO B 239 10.05 -46.58 -14.17
C PRO B 239 9.14 -47.80 -14.02
N GLY B 240 8.00 -47.75 -14.71
CA GLY B 240 7.04 -48.84 -14.69
C GLY B 240 6.09 -48.84 -13.51
N GLU B 241 6.27 -47.95 -12.55
CA GLU B 241 5.41 -47.94 -11.37
C GLU B 241 4.05 -47.32 -11.71
N ASN B 242 3.11 -47.52 -10.80
CA ASN B 242 1.77 -46.96 -10.90
C ASN B 242 1.71 -45.69 -10.06
N VAL B 243 1.34 -44.57 -10.69
CA VAL B 243 1.29 -43.28 -10.02
C VAL B 243 -0.16 -42.84 -9.95
N THR B 244 -0.59 -42.39 -8.77
CA THR B 244 -1.92 -41.81 -8.59
C THR B 244 -1.78 -40.64 -7.62
N VAL B 245 -2.13 -39.45 -8.09
CA VAL B 245 -2.08 -38.24 -7.27
C VAL B 245 -3.50 -37.71 -7.09
N GLN B 246 -3.82 -37.32 -5.86
CA GLN B 246 -5.13 -36.77 -5.54
C GLN B 246 -5.04 -35.27 -5.37
N CYS B 247 -6.08 -34.56 -5.82
CA CYS B 247 -6.20 -33.12 -5.66
C CYS B 247 -7.42 -32.87 -4.79
N LEU B 248 -7.19 -32.34 -3.59
CA LEU B 248 -8.24 -32.18 -2.58
C LEU B 248 -8.51 -30.71 -2.32
N LEU B 249 -9.74 -30.41 -1.93
CA LEU B 249 -10.20 -29.04 -1.72
C LEU B 249 -10.25 -28.71 -0.24
N THR B 250 -9.67 -27.56 0.12
CA THR B 250 -9.72 -27.07 1.49
C THR B 250 -10.32 -25.67 1.58
N GLY B 251 -11.06 -25.25 0.55
CA GLY B 251 -11.66 -23.93 0.55
C GLY B 251 -12.29 -23.53 -0.77
N GLY B 252 -13.34 -22.72 -0.70
CA GLY B 252 -14.07 -22.28 -1.87
C GLY B 252 -15.56 -22.54 -1.75
N ASP B 253 -16.34 -21.50 -1.42
CA ASP B 253 -17.76 -21.73 -1.14
C ASP B 253 -18.53 -22.15 -2.38
N PRO B 254 -18.50 -21.44 -3.50
CA PRO B 254 -19.03 -22.03 -4.74
C PRO B 254 -18.13 -23.18 -5.16
N LEU B 255 -18.72 -24.38 -5.28
CA LEU B 255 -17.98 -25.62 -5.49
C LEU B 255 -16.99 -25.48 -6.64
N PRO B 256 -15.69 -25.44 -6.33
CA PRO B 256 -14.70 -25.24 -7.40
C PRO B 256 -14.59 -26.46 -8.30
N GLN B 257 -14.14 -26.23 -9.52
CA GLN B 257 -13.84 -27.28 -10.47
C GLN B 257 -12.33 -27.44 -10.58
N LEU B 258 -11.88 -28.69 -10.62
CA LEU B 258 -10.47 -29.03 -10.61
C LEU B 258 -10.06 -29.65 -11.95
N GLN B 259 -8.86 -29.31 -12.41
CA GLN B 259 -8.30 -29.89 -13.62
C GLN B 259 -6.80 -30.07 -13.46
N TRP B 260 -6.26 -31.09 -14.12
CA TRP B 260 -4.84 -31.35 -14.13
C TRP B 260 -4.22 -30.92 -15.46
N SER B 261 -2.91 -30.76 -15.46
CA SER B 261 -2.19 -30.38 -16.66
C SER B 261 -0.74 -30.83 -16.53
N HIS B 262 -0.08 -30.98 -17.67
CA HIS B 262 1.33 -31.37 -17.72
C HIS B 262 2.22 -30.29 -18.31
N GLY B 263 1.81 -29.66 -19.41
CA GLY B 263 2.57 -28.57 -19.99
C GLY B 263 2.99 -28.82 -21.42
N PRO B 264 4.30 -28.95 -21.64
CA PRO B 264 4.80 -29.12 -23.02
C PRO B 264 4.31 -30.40 -23.70
N GLY B 265 4.59 -31.55 -23.10
CA GLY B 265 4.24 -32.81 -23.71
C GLY B 265 3.18 -33.58 -22.96
N PRO B 266 2.06 -33.88 -23.61
CA PRO B 266 1.00 -34.63 -22.95
C PRO B 266 1.36 -36.10 -22.82
N LEU B 267 0.65 -36.78 -21.93
CA LEU B 267 0.91 -38.19 -21.67
C LEU B 267 -0.28 -39.04 -22.05
N PRO B 268 -0.08 -40.06 -22.88
CA PRO B 268 -1.21 -40.92 -23.27
C PRO B 268 -1.70 -41.81 -22.13
N LEU B 269 -0.78 -42.34 -21.31
CA LEU B 269 -1.19 -43.21 -20.22
C LEU B 269 -2.03 -42.45 -19.20
N GLY B 270 -1.71 -41.20 -18.94
CA GLY B 270 -2.39 -40.45 -17.90
C GLY B 270 -3.88 -40.29 -18.18
N ALA B 271 -4.68 -40.39 -17.12
CA ALA B 271 -6.12 -40.21 -17.20
C ALA B 271 -6.58 -39.38 -16.00
N LEU B 272 -7.76 -38.76 -16.16
CA LEU B 272 -8.31 -37.81 -15.18
C LEU B 272 -9.80 -38.09 -14.99
N ALA B 273 -10.11 -39.24 -14.37
CA ALA B 273 -11.50 -39.69 -14.26
C ALA B 273 -12.36 -38.66 -13.52
N GLN B 274 -11.93 -38.26 -12.33
CA GLN B 274 -12.51 -37.12 -11.65
C GLN B 274 -11.46 -36.01 -11.55
N GLY B 275 -11.94 -34.77 -11.52
CA GLY B 275 -11.08 -33.61 -11.53
C GLY B 275 -9.98 -33.61 -10.49
N GLY B 276 -10.18 -34.37 -9.41
CA GLY B 276 -9.18 -34.48 -8.37
C GLY B 276 -8.17 -35.58 -8.61
N THR B 277 -8.62 -36.69 -9.19
CA THR B 277 -7.77 -37.87 -9.36
C THR B 277 -6.99 -37.79 -10.66
N LEU B 278 -5.66 -37.83 -10.56
CA LEU B 278 -4.77 -37.97 -11.70
C LEU B 278 -4.11 -39.35 -11.62
N SER B 279 -4.10 -40.07 -12.74
CA SER B 279 -3.60 -41.43 -12.77
C SER B 279 -2.64 -41.62 -13.93
N ILE B 280 -1.44 -42.12 -13.63
CA ILE B 280 -0.47 -42.55 -14.64
C ILE B 280 -0.26 -44.05 -14.44
N PRO B 281 -0.71 -44.89 -15.38
CA PRO B 281 -0.53 -46.33 -15.22
C PRO B 281 0.92 -46.76 -15.16
N SER B 282 1.69 -46.48 -16.20
CA SER B 282 3.11 -46.78 -16.22
C SER B 282 3.89 -45.50 -16.47
N VAL B 283 5.11 -45.45 -15.94
CA VAL B 283 5.93 -44.25 -15.98
C VAL B 283 7.20 -44.53 -16.77
N GLN B 284 7.50 -43.67 -17.73
CA GLN B 284 8.79 -43.62 -18.40
C GLN B 284 9.37 -42.24 -18.22
N ALA B 285 10.67 -42.11 -18.53
CA ALA B 285 11.34 -40.82 -18.38
C ALA B 285 10.71 -39.74 -19.23
N ARG B 286 9.90 -40.11 -20.23
CA ARG B 286 9.14 -39.12 -20.97
C ARG B 286 8.10 -38.44 -20.09
N ASP B 287 7.55 -39.18 -19.12
CA ASP B 287 6.48 -38.69 -18.26
C ASP B 287 6.95 -37.72 -17.19
N SER B 288 8.26 -37.51 -17.05
CA SER B 288 8.76 -36.62 -16.02
C SER B 288 8.40 -35.17 -16.34
N GLY B 289 8.30 -34.36 -15.29
CA GLY B 289 7.96 -32.96 -15.43
C GLY B 289 6.93 -32.55 -14.40
N TYR B 290 6.31 -31.40 -14.63
CA TYR B 290 5.35 -30.83 -13.69
C TYR B 290 3.93 -31.22 -14.06
N TYR B 291 3.09 -31.36 -13.03
CA TYR B 291 1.68 -31.69 -13.18
C TYR B 291 0.90 -30.73 -12.28
N ASN B 292 0.30 -29.72 -12.90
CA ASN B 292 -0.35 -28.65 -12.17
C ASN B 292 -1.85 -28.91 -12.09
N CYS B 293 -2.36 -29.07 -10.87
CA CYS B 293 -3.79 -29.16 -10.60
C CYS B 293 -4.29 -27.79 -10.17
N THR B 294 -5.34 -27.32 -10.84
CA THR B 294 -5.91 -26.00 -10.58
C THR B 294 -7.39 -26.13 -10.28
N ALA B 295 -7.85 -25.37 -9.28
CA ALA B 295 -9.26 -25.26 -8.95
C ALA B 295 -9.72 -23.84 -9.25
N THR B 296 -10.78 -23.71 -10.04
CA THR B 296 -11.27 -22.41 -10.48
C THR B 296 -12.76 -22.31 -10.24
N ASN B 297 -13.16 -21.54 -9.24
CA ASN B 297 -14.52 -21.02 -9.12
C ASN B 297 -14.41 -19.50 -9.07
N ASN B 298 -15.14 -18.83 -9.97
CA ASN B 298 -14.92 -17.42 -10.24
C ASN B 298 -15.17 -16.54 -9.02
N VAL B 299 -14.28 -16.61 -8.03
CA VAL B 299 -14.42 -15.85 -6.80
C VAL B 299 -13.11 -15.15 -6.47
N GLY B 300 -12.01 -15.73 -6.88
CA GLY B 300 -10.71 -15.13 -6.65
C GLY B 300 -9.69 -15.67 -7.63
N ASN B 301 -8.43 -15.65 -7.22
CA ASN B 301 -7.39 -16.25 -8.04
C ASN B 301 -7.50 -17.77 -7.96
N PRO B 302 -7.37 -18.47 -9.09
CA PRO B 302 -7.44 -19.92 -9.07
C PRO B 302 -6.36 -20.53 -8.19
N ALA B 303 -6.66 -21.72 -7.66
CA ALA B 303 -5.73 -22.43 -6.80
C ALA B 303 -4.86 -23.36 -7.65
N LYS B 304 -3.54 -23.32 -7.41
CA LYS B 304 -2.59 -24.07 -8.23
C LYS B 304 -1.66 -24.85 -7.30
N LYS B 305 -1.71 -26.19 -7.41
CA LYS B 305 -0.83 -27.08 -6.69
C LYS B 305 -0.07 -27.93 -7.70
N THR B 306 1.25 -28.04 -7.53
CA THR B 306 2.11 -28.67 -8.51
C THR B 306 2.69 -29.97 -7.98
N VAL B 307 2.70 -31.00 -8.83
CA VAL B 307 3.33 -32.28 -8.54
C VAL B 307 4.50 -32.43 -9.50
N ASN B 308 5.72 -32.33 -8.99
CA ASN B 308 6.93 -32.44 -9.83
C ASN B 308 7.28 -33.92 -9.91
N LEU B 309 6.63 -34.61 -10.85
CA LEU B 309 6.88 -36.03 -11.07
C LEU B 309 8.27 -36.23 -11.66
N LEU B 310 9.09 -37.03 -10.98
CA LEU B 310 10.45 -37.30 -11.40
C LEU B 310 10.67 -38.80 -11.51
N VAL B 311 11.37 -39.21 -12.57
CA VAL B 311 11.69 -40.61 -12.82
C VAL B 311 13.19 -40.78 -12.71
N ARG B 312 13.62 -41.76 -11.92
CA ARG B 312 15.06 -42.00 -11.74
C ARG B 312 15.70 -42.44 -13.05
N SER B 313 17.00 -42.18 -13.17
CA SER B 313 17.75 -42.58 -14.35
C SER B 313 19.22 -42.82 -14.01
C1 NAG C . 3.27 -25.71 -14.11
C2 NAG C . 3.42 -24.97 -15.45
C3 NAG C . 4.90 -24.65 -15.72
C4 NAG C . 5.53 -23.92 -14.54
C5 NAG C . 5.29 -24.71 -13.25
C6 NAG C . 5.79 -24.00 -12.02
C7 NAG C . 1.67 -25.45 -17.13
C8 NAG C . 0.92 -24.26 -16.58
N2 NAG C . 2.85 -25.73 -16.55
O3 NAG C . 5.01 -23.84 -16.89
O4 NAG C . 6.93 -23.74 -14.72
O5 NAG C . 3.88 -24.94 -13.05
O6 NAG C . 6.94 -24.61 -11.47
O7 NAG C . 1.23 -26.11 -18.04
C1 NAG C . 7.26 -22.35 -15.04
C2 NAG C . 8.62 -22.05 -14.37
C3 NAG C . 9.03 -20.61 -14.67
C4 NAG C . 9.05 -20.37 -16.17
C5 NAG C . 7.69 -20.73 -16.77
C6 NAG C . 7.66 -20.59 -18.28
C7 NAG C . 9.47 -22.96 -12.26
C8 NAG C . 10.61 -23.51 -13.07
N2 NAG C . 8.54 -22.27 -12.93
O3 NAG C . 10.32 -20.37 -14.13
O4 NAG C . 9.35 -19.01 -16.44
O5 NAG C . 7.35 -22.09 -16.47
O6 NAG C . 8.66 -19.67 -18.74
O7 NAG C . 9.39 -23.13 -11.04
C1 NAG D . 25.96 -12.67 2.12
C2 NAG D . 27.23 -11.95 1.71
C3 NAG D . 27.43 -12.11 0.18
C4 NAG D . 27.52 -13.59 -0.19
C5 NAG D . 26.30 -14.36 0.32
C6 NAG D . 26.41 -15.84 -0.04
C7 NAG D . 28.07 -10.02 2.93
C8 NAG D . 29.13 -10.92 3.52
N2 NAG D . 27.18 -10.55 2.07
O3 NAG D . 28.60 -11.46 -0.29
O4 NAG D . 27.64 -13.74 -1.61
O5 NAG D . 26.07 -14.20 1.74
O6 NAG D . 26.25 -16.76 1.04
O7 NAG D . 28.00 -8.84 3.24
C1 NAG E . -23.09 -15.30 8.19
C2 NAG E . -24.32 -15.82 8.91
C3 NAG E . -23.93 -16.35 10.29
C4 NAG E . -22.82 -17.38 10.15
C5 NAG E . -21.66 -16.82 9.33
C6 NAG E . -20.58 -17.85 9.05
C7 NAG E . -26.63 -14.98 8.71
C8 NAG E . -27.00 -16.36 8.22
N2 NAG E . -25.34 -14.79 9.02
O3 NAG E . -25.07 -16.93 10.92
O4 NAG E . -22.34 -17.76 11.44
O5 NAG E . -22.13 -16.36 8.06
O6 NAG E . -19.55 -17.34 8.21
O7 NAG E . -27.47 -14.08 8.81
C1 NAG F . -1.58 -49.89 -12.70
C2 NAG F . -1.32 -51.40 -12.64
C3 NAG F . -2.06 -52.10 -13.77
C4 NAG F . -3.54 -51.73 -13.77
C5 NAG F . -3.69 -50.21 -13.78
C6 NAG F . -5.13 -49.76 -13.64
C7 NAG F . 0.73 -52.58 -11.96
C8 NAG F . -0.12 -53.30 -10.97
N2 NAG F . 0.10 -51.68 -12.72
O3 NAG F . -1.91 -53.51 -13.63
O4 NAG F . -4.18 -52.28 -14.91
O5 NAG F . -2.99 -49.65 -12.67
O6 NAG F . -5.32 -49.16 -12.37
O7 NAG F . 1.93 -52.79 -12.06
#